data_6FQZ
#
_entry.id   6FQZ
#
_cell.length_a   99.660
_cell.length_b   99.660
_cell.length_c   180.780
_cell.angle_alpha   90.00
_cell.angle_beta   90.00
_cell.angle_gamma   120.00
#
_symmetry.space_group_name_H-M   'P 32 2 1'
#
loop_
_entity.id
_entity.type
_entity.pdbx_description
1 polymer '6-phosphogluconate dehydrogenase, decarboxylating'
2 non-polymer '6-PHOSPHOGLUCONIC ACID'
3 non-polymer GLYCEROL
4 non-polymer DI(HYDROXYETHYL)ETHER
5 non-polymer 'TRIETHYLENE GLYCOL'
6 water water
#
_entity_poly.entity_id   1
_entity_poly.type   'polypeptide(L)'
_entity_poly.pdbx_seq_one_letter_code
;MCDIGLIGLAVMGQNLSLNISSKGFKIGVYNRTYERTEETMKRAKEENLVVYGYKTVEELINNLKKPRKVILLIKAGPAV
DENISNILKHFEKGDIIIDGGNEWYINSERRIKLCKEKDVEYLAMGVSGGEAGARYGCSFMPGGSKYAYDCVKEILEKCS
AQVGNSPCVTYIGPGSSGNYVKMVHNGIEYGDMQLISESYVIMKHILKYDNQKLSEVFNKWNEGILNSYLIEITANILAK
KDDLTNNYLVDMILDIAGAKGTGKWTMLEATERGIPCPTMCAALDARNISVFKELRTKAESNFNKDNILIDPNEDLNDFE
NDLLNALYCCKIISYTQGLFLLKQVSEEMNWKLNLGEIARIWRGGCIIRAVFLDRIANAYKNNEKLELLFLDNEFSDDIK
NKLPSLRKIVLMATKYSIPIPAFSASLAYFQMVTSQNLPLNLVQAQRDYFGSHTYRRTDREGNYHTLW
;
_entity_poly.pdbx_strand_id   A,B
#
# COMPACT_ATOMS: atom_id res chain seq x y z
N MET A 1 -47.47 -15.54 -6.35
CA MET A 1 -46.30 -15.42 -5.47
C MET A 1 -45.14 -14.78 -6.22
N CYS A 2 -44.30 -14.06 -5.48
CA CYS A 2 -43.30 -13.18 -6.09
C CYS A 2 -42.10 -13.98 -6.62
N ASP A 3 -41.60 -13.55 -7.78
CA ASP A 3 -40.41 -14.16 -8.35
C ASP A 3 -39.19 -13.92 -7.49
N ILE A 4 -39.05 -12.72 -6.94
CA ILE A 4 -37.86 -12.34 -6.20
C ILE A 4 -38.24 -11.27 -5.19
N GLY A 5 -37.48 -11.20 -4.10
CA GLY A 5 -37.65 -10.17 -3.11
C GLY A 5 -36.43 -9.27 -3.01
N LEU A 6 -36.61 -8.07 -2.49
CA LEU A 6 -35.50 -7.12 -2.32
C LEU A 6 -35.70 -6.36 -1.03
N ILE A 7 -34.67 -6.35 -0.19
CA ILE A 7 -34.67 -5.65 1.09
C ILE A 7 -33.64 -4.52 1.01
N GLY A 8 -34.04 -3.33 1.45
CA GLY A 8 -33.17 -2.18 1.38
C GLY A 8 -33.56 -1.24 0.27
N LEU A 9 -34.33 -0.20 0.59
CA LEU A 9 -34.93 0.62 -0.45
C LEU A 9 -34.43 2.06 -0.43
N ALA A 10 -33.11 2.23 -0.44
CA ALA A 10 -32.56 3.51 -0.86
C ALA A 10 -32.76 3.65 -2.38
N VAL A 11 -32.29 4.76 -2.94
CA VAL A 11 -32.48 4.99 -4.36
C VAL A 11 -31.93 3.83 -5.19
N MET A 12 -30.85 3.20 -4.71
CA MET A 12 -30.29 2.04 -5.42
C MET A 12 -31.29 0.89 -5.45
N GLY A 13 -31.79 0.48 -4.29
CA GLY A 13 -32.76 -0.60 -4.24
C GLY A 13 -34.07 -0.27 -4.93
N GLN A 14 -34.48 0.99 -4.88
CA GLN A 14 -35.70 1.40 -5.58
C GLN A 14 -35.54 1.25 -7.09
N ASN A 15 -34.40 1.74 -7.62
CA ASN A 15 -34.20 1.70 -9.06
C ASN A 15 -34.06 0.26 -9.57
N LEU A 16 -33.36 -0.59 -8.82
CA LEU A 16 -33.25 -1.99 -9.22
C LEU A 16 -34.59 -2.70 -9.16
N SER A 17 -35.43 -2.34 -8.18
CA SER A 17 -36.78 -2.89 -8.11
C SER A 17 -37.60 -2.49 -9.33
N LEU A 18 -37.49 -1.23 -9.74
CA LEU A 18 -38.19 -0.79 -10.95
C LEU A 18 -37.62 -1.47 -12.19
N ASN A 19 -36.30 -1.68 -12.22
CA ASN A 19 -35.68 -2.39 -13.32
C ASN A 19 -36.24 -3.80 -13.45
N ILE A 20 -36.30 -4.52 -12.33
CA ILE A 20 -36.78 -5.90 -12.34
C ILE A 20 -38.26 -5.95 -12.73
N SER A 21 -39.04 -4.99 -12.24
CA SER A 21 -40.47 -4.96 -12.58
C SER A 21 -40.66 -4.64 -14.06
N SER A 22 -39.88 -3.70 -14.60
CA SER A 22 -40.02 -3.32 -16.00
C SER A 22 -39.64 -4.45 -16.96
N LYS A 23 -38.98 -5.49 -16.47
CA LYS A 23 -38.61 -6.63 -17.30
C LYS A 23 -39.60 -7.78 -17.18
N GLY A 24 -40.77 -7.54 -16.61
CA GLY A 24 -41.84 -8.52 -16.58
C GLY A 24 -41.86 -9.43 -15.36
N PHE A 25 -40.94 -9.26 -14.42
CA PHE A 25 -40.94 -10.07 -13.22
C PHE A 25 -41.74 -9.39 -12.12
N LYS A 26 -42.41 -10.21 -11.30
CA LYS A 26 -43.14 -9.69 -10.16
C LYS A 26 -42.23 -9.74 -8.94
N ILE A 27 -42.11 -8.61 -8.25
CA ILE A 27 -41.08 -8.40 -7.23
C ILE A 27 -41.73 -7.82 -5.99
N GLY A 28 -41.41 -8.38 -4.83
CA GLY A 28 -41.83 -7.84 -3.56
C GLY A 28 -40.66 -7.16 -2.86
N VAL A 29 -40.94 -6.04 -2.21
CA VAL A 29 -39.88 -5.23 -1.60
C VAL A 29 -40.23 -5.00 -0.14
N TYR A 30 -39.18 -4.78 0.66
CA TYR A 30 -39.33 -4.46 2.07
C TYR A 30 -38.26 -3.46 2.48
N ASN A 31 -38.60 -2.61 3.44
CA ASN A 31 -37.65 -1.70 4.07
C ASN A 31 -38.20 -1.36 5.44
N ARG A 32 -37.33 -1.42 6.47
CA ARG A 32 -37.81 -1.22 7.84
C ARG A 32 -38.53 0.11 7.98
N THR A 33 -37.97 1.18 7.42
CA THR A 33 -38.67 2.46 7.35
C THR A 33 -39.65 2.41 6.19
N TYR A 34 -40.95 2.29 6.50
CA TYR A 34 -41.95 1.96 5.50
C TYR A 34 -42.13 3.03 4.44
N GLU A 35 -41.75 4.28 4.72
CA GLU A 35 -41.94 5.34 3.73
C GLU A 35 -41.12 5.08 2.47
N ARG A 36 -40.00 4.38 2.58
CA ARG A 36 -39.24 4.00 1.39
C ARG A 36 -40.01 2.97 0.57
N THR A 37 -40.71 2.05 1.24
CA THR A 37 -41.59 1.12 0.54
C THR A 37 -42.73 1.87 -0.15
N GLU A 38 -43.30 2.86 0.53
CA GLU A 38 -44.34 3.67 -0.09
C GLU A 38 -43.80 4.44 -1.29
N GLU A 39 -42.60 5.01 -1.15
CA GLU A 39 -41.99 5.75 -2.26
C GLU A 39 -41.76 4.85 -3.46
N THR A 40 -41.38 3.59 -3.22
CA THR A 40 -41.14 2.66 -4.32
C THR A 40 -42.43 2.36 -5.07
N MET A 41 -43.49 2.01 -4.33
CA MET A 41 -44.77 1.73 -4.98
C MET A 41 -45.32 2.95 -5.70
N LYS A 42 -45.09 4.14 -5.15
CA LYS A 42 -45.52 5.37 -5.82
C LYS A 42 -44.79 5.55 -7.14
N ARG A 43 -43.46 5.41 -7.13
CA ARG A 43 -42.70 5.53 -8.37
C ARG A 43 -43.07 4.44 -9.37
N ALA A 44 -43.43 3.25 -8.88
CA ALA A 44 -43.80 2.17 -9.78
C ALA A 44 -45.07 2.50 -10.55
N LYS A 45 -46.11 2.96 -9.84
CA LYS A 45 -47.36 3.28 -10.52
C LYS A 45 -47.23 4.54 -11.37
N GLU A 46 -46.34 5.46 -11.00
CA GLU A 46 -46.09 6.62 -11.84
C GLU A 46 -45.51 6.21 -13.18
N GLU A 47 -44.73 5.12 -13.22
CA GLU A 47 -44.19 4.58 -14.45
C GLU A 47 -44.99 3.40 -14.98
N ASN A 48 -46.19 3.17 -14.44
CA ASN A 48 -47.05 2.06 -14.84
C ASN A 48 -46.34 0.72 -14.68
N LEU A 49 -45.75 0.51 -13.51
CA LEU A 49 -45.10 -0.73 -13.16
C LEU A 49 -45.67 -1.24 -11.84
N VAL A 50 -45.52 -2.53 -11.60
CA VAL A 50 -46.09 -3.20 -10.44
C VAL A 50 -44.95 -3.59 -9.51
N VAL A 51 -44.97 -3.06 -8.28
CA VAL A 51 -44.04 -3.42 -7.23
C VAL A 51 -44.84 -3.66 -5.96
N TYR A 52 -44.74 -4.86 -5.41
CA TYR A 52 -45.47 -5.22 -4.20
C TYR A 52 -44.66 -4.85 -2.97
N GLY A 53 -45.27 -4.09 -2.07
CA GLY A 53 -44.62 -3.65 -0.84
C GLY A 53 -45.22 -4.34 0.38
N TYR A 54 -44.36 -4.80 1.28
CA TYR A 54 -44.78 -5.50 2.49
C TYR A 54 -44.22 -4.80 3.71
N LYS A 55 -44.99 -4.83 4.80
CA LYS A 55 -44.60 -4.13 6.01
C LYS A 55 -43.62 -4.93 6.87
N THR A 56 -43.50 -6.24 6.64
CA THR A 56 -42.58 -7.07 7.40
C THR A 56 -41.78 -7.95 6.44
N VAL A 57 -40.65 -8.46 6.94
CA VAL A 57 -39.88 -9.43 6.17
C VAL A 57 -40.63 -10.75 6.10
N GLU A 58 -41.38 -11.09 7.14
CA GLU A 58 -42.13 -12.36 7.15
C GLU A 58 -43.16 -12.38 6.02
N GLU A 59 -43.89 -11.29 5.84
CA GLU A 59 -44.90 -11.25 4.77
C GLU A 59 -44.25 -11.28 3.40
N LEU A 60 -43.09 -10.64 3.24
CA LEU A 60 -42.37 -10.70 1.98
C LEU A 60 -41.91 -12.12 1.67
N ILE A 61 -41.28 -12.77 2.65
CA ILE A 61 -40.77 -14.12 2.45
C ILE A 61 -41.90 -15.08 2.13
N ASN A 62 -43.07 -14.90 2.77
CA ASN A 62 -44.19 -15.79 2.53
C ASN A 62 -44.73 -15.69 1.11
N ASN A 63 -44.51 -14.57 0.43
CA ASN A 63 -45.03 -14.35 -0.91
C ASN A 63 -44.01 -14.68 -2.00
N LEU A 64 -42.87 -15.27 -1.65
CA LEU A 64 -41.84 -15.58 -2.62
C LEU A 64 -42.06 -16.97 -3.21
N LYS A 65 -41.91 -17.08 -4.53
CA LYS A 65 -41.93 -18.39 -5.18
C LYS A 65 -40.78 -19.25 -4.67
N LYS A 66 -40.96 -20.55 -4.77
CA LYS A 66 -39.87 -21.48 -4.44
C LYS A 66 -39.09 -21.83 -5.70
N PRO A 67 -37.75 -21.80 -5.67
CA PRO A 67 -36.89 -21.45 -4.52
C PRO A 67 -36.88 -19.96 -4.21
N ARG A 68 -36.97 -19.63 -2.93
CA ARG A 68 -37.08 -18.23 -2.52
C ARG A 68 -35.78 -17.48 -2.77
N LYS A 69 -35.89 -16.32 -3.40
CA LYS A 69 -34.75 -15.47 -3.73
C LYS A 69 -35.00 -14.08 -3.18
N VAL A 70 -34.04 -13.55 -2.42
CA VAL A 70 -34.12 -12.19 -1.89
C VAL A 70 -32.78 -11.49 -2.15
N ILE A 71 -32.85 -10.25 -2.63
CA ILE A 71 -31.68 -9.41 -2.86
C ILE A 71 -31.54 -8.47 -1.69
N LEU A 72 -30.30 -8.32 -1.21
CA LEU A 72 -29.98 -7.41 -0.11
C LEU A 72 -29.20 -6.22 -0.66
N LEU A 73 -29.75 -5.02 -0.46
CA LEU A 73 -29.07 -3.77 -0.81
C LEU A 73 -29.07 -2.88 0.44
N ILE A 74 -28.32 -3.31 1.45
CA ILE A 74 -28.24 -2.64 2.74
C ILE A 74 -26.83 -2.12 2.92
N LYS A 75 -26.70 -0.93 3.52
CA LYS A 75 -25.40 -0.36 3.79
C LYS A 75 -24.57 -1.32 4.64
N ALA A 76 -23.30 -1.47 4.27
CA ALA A 76 -22.43 -2.44 4.92
C ALA A 76 -22.36 -2.18 6.42
N GLY A 77 -22.48 -3.24 7.20
CA GLY A 77 -22.47 -3.14 8.65
C GLY A 77 -23.26 -4.26 9.29
N PRO A 78 -23.45 -4.18 10.60
CA PRO A 78 -24.20 -5.24 11.30
C PRO A 78 -25.65 -5.35 10.85
N ALA A 79 -26.20 -4.33 10.19
CA ALA A 79 -27.56 -4.43 9.70
C ALA A 79 -27.70 -5.49 8.61
N VAL A 80 -26.62 -5.79 7.89
CA VAL A 80 -26.65 -6.88 6.92
C VAL A 80 -26.78 -8.22 7.64
N ASP A 81 -25.95 -8.44 8.66
CA ASP A 81 -26.00 -9.69 9.41
C ASP A 81 -27.32 -9.84 10.16
N GLU A 82 -27.89 -8.73 10.64
CA GLU A 82 -29.17 -8.79 11.33
C GLU A 82 -30.28 -9.21 10.37
N ASN A 83 -30.23 -8.74 9.12
CA ASN A 83 -31.24 -9.12 8.14
C ASN A 83 -31.06 -10.58 7.72
N ILE A 84 -29.82 -11.00 7.49
CA ILE A 84 -29.57 -12.40 7.14
C ILE A 84 -30.08 -13.33 8.24
N SER A 85 -29.76 -13.00 9.50
CA SER A 85 -30.22 -13.81 10.62
C SER A 85 -31.74 -13.90 10.65
N ASN A 86 -32.42 -12.78 10.39
CA ASN A 86 -33.88 -12.78 10.36
C ASN A 86 -34.41 -13.59 9.18
N ILE A 87 -33.74 -13.48 8.02
CA ILE A 87 -34.17 -14.24 6.85
C ILE A 87 -34.02 -15.73 7.09
N LEU A 88 -32.92 -16.15 7.72
CA LEU A 88 -32.66 -17.56 7.95
C LEU A 88 -33.70 -18.19 8.88
N LYS A 89 -34.44 -17.39 9.64
CA LYS A 89 -35.53 -17.90 10.47
C LYS A 89 -36.75 -18.29 9.65
N HIS A 90 -36.83 -17.87 8.39
CA HIS A 90 -37.96 -18.20 7.54
C HIS A 90 -37.58 -18.89 6.23
N PHE A 91 -36.29 -18.96 5.89
CA PHE A 91 -35.86 -19.66 4.70
C PHE A 91 -35.65 -21.14 5.00
N GLU A 92 -35.72 -21.96 3.95
CA GLU A 92 -35.56 -23.40 4.05
C GLU A 92 -34.47 -23.84 3.08
N LYS A 93 -34.21 -25.15 3.07
CA LYS A 93 -33.23 -25.73 2.16
C LYS A 93 -33.55 -25.36 0.72
N GLY A 94 -32.54 -24.88 -0.01
CA GLY A 94 -32.71 -24.50 -1.39
C GLY A 94 -33.02 -23.04 -1.63
N ASP A 95 -33.30 -22.27 -0.58
CA ASP A 95 -33.56 -20.85 -0.77
C ASP A 95 -32.25 -20.08 -0.89
N ILE A 96 -32.35 -18.84 -1.40
CA ILE A 96 -31.19 -18.10 -1.89
C ILE A 96 -31.20 -16.69 -1.31
N ILE A 97 -30.08 -16.29 -0.74
CA ILE A 97 -29.82 -14.90 -0.33
C ILE A 97 -28.78 -14.33 -1.28
N ILE A 98 -29.07 -13.15 -1.82
CA ILE A 98 -28.16 -12.47 -2.75
C ILE A 98 -27.82 -11.12 -2.14
N ASP A 99 -26.57 -10.95 -1.71
CA ASP A 99 -26.09 -9.68 -1.18
C ASP A 99 -25.48 -8.87 -2.32
N GLY A 100 -26.03 -7.69 -2.58
CA GLY A 100 -25.57 -6.83 -3.66
C GLY A 100 -24.76 -5.61 -3.26
N GLY A 101 -24.33 -5.50 -2.00
CA GLY A 101 -23.57 -4.35 -1.58
C GLY A 101 -22.06 -4.54 -1.73
N ASN A 102 -21.34 -3.41 -1.76
CA ASN A 102 -19.88 -3.44 -1.81
C ASN A 102 -19.33 -3.99 -0.50
N GLU A 103 -19.04 -5.30 -0.47
CA GLU A 103 -18.63 -5.96 0.75
C GLU A 103 -17.17 -6.39 0.69
N TRP A 104 -16.54 -6.43 1.86
CA TRP A 104 -15.22 -7.02 1.99
C TRP A 104 -15.34 -8.53 1.88
N TYR A 105 -14.51 -9.15 1.03
CA TYR A 105 -14.77 -10.52 0.60
C TYR A 105 -14.70 -11.51 1.77
N ILE A 106 -13.87 -11.24 2.78
CA ILE A 106 -13.80 -12.13 3.93
C ILE A 106 -15.14 -12.17 4.67
N ASN A 107 -15.85 -11.03 4.71
CA ASN A 107 -17.15 -11.01 5.38
C ASN A 107 -18.14 -11.93 4.69
N SER A 108 -18.20 -11.90 3.35
CA SER A 108 -19.13 -12.75 2.63
C SER A 108 -18.78 -14.22 2.81
N GLU A 109 -17.48 -14.55 2.94
CA GLU A 109 -17.10 -15.93 3.19
C GLU A 109 -17.70 -16.43 4.51
N ARG A 110 -17.70 -15.58 5.54
CA ARG A 110 -18.34 -15.94 6.80
C ARG A 110 -19.83 -16.17 6.62
N ARG A 111 -20.49 -15.29 5.85
CA ARG A 111 -21.93 -15.40 5.68
C ARG A 111 -22.31 -16.60 4.81
N ILE A 112 -21.40 -17.01 3.91
CA ILE A 112 -21.66 -18.19 3.09
C ILE A 112 -21.69 -19.44 3.96
N LYS A 113 -20.73 -19.57 4.89
CA LYS A 113 -20.68 -20.74 5.75
C LYS A 113 -21.85 -20.76 6.73
N LEU A 114 -22.24 -19.60 7.24
CA LEU A 114 -23.37 -19.53 8.16
C LEU A 114 -24.67 -19.93 7.49
N CYS A 115 -24.92 -19.43 6.28
CA CYS A 115 -26.13 -19.80 5.56
C CYS A 115 -26.11 -21.26 5.15
N LYS A 116 -24.93 -21.79 4.81
CA LYS A 116 -24.83 -23.20 4.42
C LYS A 116 -25.14 -24.14 5.58
N GLU A 117 -24.95 -23.69 6.82
CA GLU A 117 -25.33 -24.50 7.97
C GLU A 117 -26.84 -24.76 7.99
N LYS A 118 -27.63 -23.84 7.43
CA LYS A 118 -29.06 -24.04 7.26
C LYS A 118 -29.41 -24.47 5.84
N ASP A 119 -28.42 -24.91 5.07
CA ASP A 119 -28.61 -25.34 3.67
C ASP A 119 -29.27 -24.25 2.84
N VAL A 120 -28.98 -22.99 3.16
CA VAL A 120 -29.41 -21.84 2.36
C VAL A 120 -28.24 -21.42 1.48
N GLU A 121 -28.50 -21.21 0.20
CA GLU A 121 -27.46 -20.86 -0.75
C GLU A 121 -27.26 -19.35 -0.79
N TYR A 122 -26.02 -18.94 -0.99
CA TYR A 122 -25.62 -17.55 -0.87
C TYR A 122 -24.94 -17.09 -2.16
N LEU A 123 -25.30 -15.89 -2.61
CA LEU A 123 -24.72 -15.27 -3.78
C LEU A 123 -24.23 -13.89 -3.40
N ALA A 124 -22.91 -13.71 -3.33
CA ALA A 124 -22.31 -12.41 -3.02
C ALA A 124 -22.01 -11.72 -4.34
N MET A 125 -22.76 -10.66 -4.64
CA MET A 125 -22.79 -10.07 -5.98
C MET A 125 -22.35 -8.62 -5.93
N GLY A 126 -21.32 -8.30 -6.70
CA GLY A 126 -20.94 -6.91 -6.88
C GLY A 126 -21.80 -6.27 -7.96
N VAL A 127 -22.16 -5.00 -7.72
CA VAL A 127 -22.98 -4.23 -8.65
C VAL A 127 -22.27 -2.91 -8.92
N SER A 128 -22.13 -2.56 -10.20
CA SER A 128 -21.47 -1.33 -10.60
C SER A 128 -22.36 -0.59 -11.59
N GLY A 129 -22.41 0.74 -11.45
CA GLY A 129 -23.21 1.54 -12.34
C GLY A 129 -23.98 2.64 -11.65
N GLY A 130 -24.06 2.57 -10.33
CA GLY A 130 -24.74 3.63 -9.59
C GLY A 130 -26.24 3.57 -9.73
N GLU A 131 -26.88 4.69 -9.34
CA GLU A 131 -28.33 4.76 -9.39
C GLU A 131 -28.86 4.64 -10.81
N ALA A 132 -28.17 5.23 -11.78
CA ALA A 132 -28.61 5.15 -13.16
C ALA A 132 -28.51 3.72 -13.68
N GLY A 133 -27.38 3.06 -13.46
CA GLY A 133 -27.23 1.68 -13.88
C GLY A 133 -28.19 0.74 -13.18
N ALA A 134 -28.48 1.00 -11.91
CA ALA A 134 -29.46 0.19 -11.19
C ALA A 134 -30.83 0.26 -11.85
N ARG A 135 -31.16 1.39 -12.46
CA ARG A 135 -32.47 1.57 -13.08
C ARG A 135 -32.53 1.08 -14.51
N TYR A 136 -31.47 1.31 -15.30
CA TYR A 136 -31.52 1.07 -16.73
C TYR A 136 -30.60 -0.05 -17.21
N GLY A 137 -29.64 -0.48 -16.41
CA GLY A 137 -28.72 -1.52 -16.83
C GLY A 137 -27.33 -1.36 -16.25
N CYS A 138 -26.96 -2.26 -15.35
CA CYS A 138 -25.68 -2.20 -14.65
C CYS A 138 -24.84 -3.43 -14.99
N SER A 139 -23.68 -3.52 -14.36
CA SER A 139 -22.81 -4.68 -14.46
C SER A 139 -22.93 -5.51 -13.20
N PHE A 140 -23.31 -6.78 -13.35
CA PHE A 140 -23.47 -7.69 -12.22
C PHE A 140 -22.27 -8.62 -12.13
N MET A 141 -21.72 -8.77 -10.93
CA MET A 141 -20.57 -9.64 -10.68
C MET A 141 -20.92 -10.64 -9.58
N PRO A 142 -21.82 -11.58 -9.85
CA PRO A 142 -22.24 -12.54 -8.81
C PRO A 142 -21.26 -13.69 -8.67
N GLY A 143 -20.95 -14.03 -7.41
CA GLY A 143 -20.14 -15.18 -7.12
C GLY A 143 -20.70 -15.91 -5.92
N GLY A 144 -20.37 -17.20 -5.85
CA GLY A 144 -20.85 -18.03 -4.76
C GLY A 144 -21.45 -19.33 -5.25
N SER A 145 -22.69 -19.60 -4.87
CA SER A 145 -23.38 -20.82 -5.28
C SER A 145 -23.75 -20.73 -6.76
N LYS A 146 -23.25 -21.68 -7.55
CA LYS A 146 -23.65 -21.76 -8.95
C LYS A 146 -25.13 -22.07 -9.08
N TYR A 147 -25.66 -22.91 -8.18
CA TYR A 147 -27.10 -23.17 -8.13
C TYR A 147 -27.86 -21.87 -7.96
N ALA A 148 -27.43 -21.03 -7.01
CA ALA A 148 -28.08 -19.73 -6.80
C ALA A 148 -28.01 -18.88 -8.07
N TYR A 149 -26.85 -18.84 -8.72
CA TYR A 149 -26.71 -18.06 -9.94
C TYR A 149 -27.71 -18.52 -10.99
N ASP A 150 -27.81 -19.83 -11.20
CA ASP A 150 -28.70 -20.36 -12.24
C ASP A 150 -30.16 -19.98 -11.97
N CYS A 151 -30.56 -19.96 -10.70
CA CYS A 151 -31.94 -19.65 -10.37
C CYS A 151 -32.30 -18.19 -10.59
N VAL A 152 -31.31 -17.29 -10.62
CA VAL A 152 -31.56 -15.87 -10.75
C VAL A 152 -30.99 -15.28 -12.03
N LYS A 153 -30.27 -16.07 -12.82
CA LYS A 153 -29.51 -15.51 -13.93
C LYS A 153 -30.39 -14.85 -14.98
N GLU A 154 -31.63 -15.34 -15.15
CA GLU A 154 -32.52 -14.73 -16.13
C GLU A 154 -32.85 -13.29 -15.75
N ILE A 155 -33.07 -13.04 -14.46
CA ILE A 155 -33.31 -11.68 -14.00
C ILE A 155 -32.08 -10.81 -14.22
N LEU A 156 -30.91 -11.30 -13.83
CA LEU A 156 -29.68 -10.53 -13.97
C LEU A 156 -29.38 -10.24 -15.44
N GLU A 157 -29.58 -11.22 -16.32
CA GLU A 157 -29.32 -11.03 -17.74
C GLU A 157 -30.20 -9.93 -18.33
N LYS A 158 -31.48 -9.90 -17.95
CA LYS A 158 -32.40 -8.95 -18.54
C LYS A 158 -32.24 -7.55 -17.94
N CYS A 159 -31.83 -7.45 -16.68
CA CYS A 159 -31.71 -6.16 -16.02
C CYS A 159 -30.34 -5.53 -16.15
N SER A 160 -29.34 -6.27 -16.61
CA SER A 160 -28.01 -5.71 -16.77
C SER A 160 -27.93 -4.88 -18.06
N ALA A 161 -26.87 -4.09 -18.15
CA ALA A 161 -26.61 -3.37 -19.39
C ALA A 161 -26.31 -4.35 -20.51
N GLN A 162 -26.70 -3.96 -21.73
CA GLN A 162 -26.51 -4.80 -22.92
C GLN A 162 -25.46 -4.15 -23.81
N VAL A 163 -24.43 -4.92 -24.15
CA VAL A 163 -23.43 -4.51 -25.13
C VAL A 163 -23.70 -5.33 -26.38
N GLY A 164 -24.42 -4.75 -27.34
CA GLY A 164 -24.94 -5.51 -28.44
C GLY A 164 -25.94 -6.54 -27.95
N ASN A 165 -25.63 -7.82 -28.11
CA ASN A 165 -26.48 -8.90 -27.64
C ASN A 165 -26.04 -9.46 -26.30
N SER A 166 -24.92 -8.98 -25.75
CA SER A 166 -24.29 -9.61 -24.60
C SER A 166 -24.69 -8.91 -23.32
N PRO A 167 -25.40 -9.57 -22.41
CA PRO A 167 -25.71 -8.95 -21.12
C PRO A 167 -24.47 -8.86 -20.25
N CYS A 168 -24.38 -7.77 -19.49
CA CYS A 168 -23.20 -7.52 -18.66
C CYS A 168 -23.34 -8.24 -17.32
N VAL A 169 -23.30 -9.57 -17.40
CA VAL A 169 -23.31 -10.42 -16.23
C VAL A 169 -22.61 -11.72 -16.59
N THR A 170 -21.95 -12.32 -15.59
CA THR A 170 -21.33 -13.62 -15.73
C THR A 170 -21.25 -14.26 -14.36
N TYR A 171 -21.17 -15.60 -14.33
CA TYR A 171 -20.87 -16.29 -13.09
C TYR A 171 -19.40 -16.12 -12.79
N ILE A 172 -19.08 -15.34 -11.76
CA ILE A 172 -17.69 -15.01 -11.46
C ILE A 172 -16.94 -16.24 -10.98
N GLY A 173 -17.53 -16.97 -10.03
CA GLY A 173 -16.88 -18.11 -9.44
C GLY A 173 -17.46 -18.41 -8.07
N PRO A 174 -16.78 -19.26 -7.31
CA PRO A 174 -17.30 -19.67 -6.01
C PRO A 174 -16.98 -18.64 -4.93
N GLY A 175 -17.56 -18.86 -3.76
CA GLY A 175 -17.21 -18.08 -2.58
C GLY A 175 -17.49 -16.61 -2.76
N SER A 176 -16.56 -15.77 -2.28
CA SER A 176 -16.68 -14.33 -2.33
C SER A 176 -15.99 -13.72 -3.55
N SER A 177 -15.77 -14.50 -4.60
CA SER A 177 -15.05 -14.01 -5.76
C SER A 177 -15.75 -12.82 -6.41
N GLY A 178 -17.09 -12.78 -6.34
CA GLY A 178 -17.80 -11.64 -6.90
C GLY A 178 -17.51 -10.34 -6.18
N ASN A 179 -17.45 -10.39 -4.85
CA ASN A 179 -17.03 -9.20 -4.09
C ASN A 179 -15.60 -8.81 -4.48
N TYR A 180 -14.72 -9.80 -4.66
CA TYR A 180 -13.34 -9.51 -4.97
C TYR A 180 -13.19 -8.84 -6.32
N VAL A 181 -13.97 -9.28 -7.32
CA VAL A 181 -13.88 -8.70 -8.64
C VAL A 181 -14.41 -7.26 -8.64
N LYS A 182 -15.54 -7.02 -7.93
CA LYS A 182 -16.07 -5.67 -7.83
C LYS A 182 -15.11 -4.76 -7.08
N MET A 183 -14.43 -5.29 -6.06
CA MET A 183 -13.42 -4.50 -5.36
C MET A 183 -12.31 -4.07 -6.31
N VAL A 184 -11.84 -5.00 -7.16
CA VAL A 184 -10.77 -4.67 -8.09
C VAL A 184 -11.27 -3.71 -9.17
N HIS A 185 -12.53 -3.84 -9.58
CA HIS A 185 -13.11 -2.86 -10.49
C HIS A 185 -12.97 -1.45 -9.94
N ASN A 186 -13.35 -1.25 -8.68
CA ASN A 186 -13.24 0.07 -8.06
C ASN A 186 -11.78 0.50 -7.93
N GLY A 187 -10.89 -0.44 -7.65
CA GLY A 187 -9.48 -0.12 -7.61
C GLY A 187 -8.98 0.41 -8.94
N ILE A 188 -9.35 -0.27 -10.03
CA ILE A 188 -9.01 0.21 -11.38
C ILE A 188 -9.68 1.55 -11.64
N GLU A 189 -10.91 1.71 -11.16
CA GLU A 189 -11.62 2.99 -11.30
C GLU A 189 -10.86 4.11 -10.60
N TYR A 190 -10.36 3.86 -9.39
CA TYR A 190 -9.53 4.83 -8.69
C TYR A 190 -8.35 5.27 -9.55
N GLY A 191 -7.69 4.31 -10.20
CA GLY A 191 -6.54 4.63 -11.01
C GLY A 191 -6.89 5.45 -12.24
N ASP A 192 -7.97 5.09 -12.93
CA ASP A 192 -8.39 5.86 -14.11
C ASP A 192 -8.70 7.30 -13.74
N MET A 193 -9.38 7.50 -12.62
CA MET A 193 -9.73 8.86 -12.19
C MET A 193 -8.49 9.66 -11.84
N GLN A 194 -7.50 9.04 -11.19
CA GLN A 194 -6.27 9.75 -10.87
C GLN A 194 -5.48 10.08 -12.12
N LEU A 195 -5.47 9.17 -13.09
CA LEU A 195 -4.78 9.44 -14.36
C LEU A 195 -5.46 10.58 -15.12
N ILE A 196 -6.79 10.58 -15.15
CA ILE A 196 -7.53 11.64 -15.85
C ILE A 196 -7.25 12.98 -15.19
N SER A 197 -7.32 13.03 -13.85
CA SER A 197 -7.07 14.29 -13.16
C SER A 197 -5.66 14.80 -13.38
N GLU A 198 -4.69 13.91 -13.54
CA GLU A 198 -3.33 14.33 -13.83
C GLU A 198 -3.20 14.85 -15.25
N SER A 199 -3.94 14.26 -16.19
CA SER A 199 -4.04 14.84 -17.52
C SER A 199 -4.67 16.22 -17.46
N TYR A 200 -5.59 16.42 -16.53
CA TYR A 200 -6.29 17.69 -16.41
C TYR A 200 -5.35 18.79 -15.93
N VAL A 201 -4.49 18.50 -14.95
CA VAL A 201 -3.57 19.53 -14.47
C VAL A 201 -2.42 19.74 -15.43
N ILE A 202 -2.07 18.73 -16.23
CA ILE A 202 -0.98 18.89 -17.20
C ILE A 202 -1.39 19.88 -18.28
N MET A 203 -2.59 19.74 -18.82
CA MET A 203 -3.04 20.68 -19.86
C MET A 203 -3.35 22.04 -19.27
N LYS A 204 -3.87 22.08 -18.04
CA LYS A 204 -4.21 23.35 -17.41
C LYS A 204 -2.97 24.19 -17.13
N HIS A 205 -1.89 23.56 -16.66
CA HIS A 205 -0.75 24.30 -16.15
C HIS A 205 0.45 24.33 -17.09
N ILE A 206 0.56 23.38 -18.03
CA ILE A 206 1.62 23.40 -19.03
C ILE A 206 1.13 24.02 -20.33
N LEU A 207 -0.03 23.58 -20.82
CA LEU A 207 -0.61 24.12 -22.04
C LEU A 207 -1.48 25.34 -21.80
N LYS A 208 -1.77 25.68 -20.54
CA LYS A 208 -2.56 26.85 -20.19
C LYS A 208 -3.96 26.79 -20.79
N TYR A 209 -4.54 25.59 -20.81
CA TYR A 209 -5.89 25.41 -21.32
C TYR A 209 -6.91 25.87 -20.29
N ASP A 210 -7.86 26.70 -20.73
CA ASP A 210 -8.99 27.04 -19.87
C ASP A 210 -9.99 25.89 -19.85
N ASN A 211 -11.00 26.01 -18.97
CA ASN A 211 -11.93 24.90 -18.77
C ASN A 211 -12.71 24.56 -20.03
N GLN A 212 -12.99 25.56 -20.87
CA GLN A 212 -13.67 25.27 -22.13
C GLN A 212 -12.77 24.49 -23.07
N LYS A 213 -11.50 24.87 -23.18
CA LYS A 213 -10.56 24.12 -24.01
C LYS A 213 -10.35 22.72 -23.46
N LEU A 214 -10.34 22.57 -22.14
CA LEU A 214 -10.16 21.27 -21.53
C LEU A 214 -11.33 20.34 -21.86
N SER A 215 -12.56 20.85 -21.77
CA SER A 215 -13.73 20.04 -22.09
C SER A 215 -13.71 19.61 -23.55
N GLU A 216 -13.24 20.48 -24.45
CA GLU A 216 -13.18 20.13 -25.86
CA GLU A 216 -13.18 20.13 -25.86
C GLU A 216 -12.18 19.01 -26.11
N VAL A 217 -11.02 19.07 -25.46
CA VAL A 217 -10.00 18.04 -25.66
C VAL A 217 -10.50 16.69 -25.16
N PHE A 218 -11.17 16.67 -24.01
CA PHE A 218 -11.68 15.41 -23.49
C PHE A 218 -12.79 14.86 -24.37
N ASN A 219 -13.63 15.74 -24.93
CA ASN A 219 -14.66 15.29 -25.86
C ASN A 219 -14.04 14.76 -27.14
N LYS A 220 -12.95 15.38 -27.60
CA LYS A 220 -12.23 14.85 -28.75
C LYS A 220 -11.61 13.49 -28.44
N TRP A 221 -11.10 13.32 -27.21
CA TRP A 221 -10.55 12.04 -26.81
C TRP A 221 -11.63 10.96 -26.73
N ASN A 222 -12.83 11.36 -26.29
CA ASN A 222 -13.93 10.41 -26.18
C ASN A 222 -14.37 9.87 -27.52
N GLU A 223 -14.02 10.56 -28.62
CA GLU A 223 -14.37 10.09 -29.95
C GLU A 223 -13.39 9.06 -30.49
N GLY A 224 -12.26 8.84 -29.81
CA GLY A 224 -11.27 7.90 -30.29
C GLY A 224 -11.02 6.72 -29.38
N ILE A 225 -9.76 6.31 -29.26
CA ILE A 225 -9.41 5.10 -28.52
C ILE A 225 -9.77 5.22 -27.04
N LEU A 226 -9.77 6.44 -26.50
CA LEU A 226 -10.03 6.67 -25.09
C LEU A 226 -11.52 6.69 -24.75
N ASN A 227 -12.39 6.40 -25.72
CA ASN A 227 -13.83 6.43 -25.50
C ASN A 227 -14.21 5.67 -24.24
N SER A 228 -14.77 6.38 -23.26
CA SER A 228 -15.10 5.78 -21.98
C SER A 228 -16.08 6.67 -21.25
N TYR A 229 -16.76 6.07 -20.27
CA TYR A 229 -17.69 6.83 -19.43
C TYR A 229 -16.97 7.93 -18.65
N LEU A 230 -15.81 7.61 -18.08
CA LEU A 230 -15.11 8.59 -17.25
C LEU A 230 -14.55 9.74 -18.07
N ILE A 231 -14.07 9.45 -19.29
CA ILE A 231 -13.64 10.52 -20.18
C ILE A 231 -14.84 11.38 -20.59
N GLU A 232 -15.99 10.74 -20.81
CA GLU A 232 -17.18 11.48 -21.23
C GLU A 232 -17.66 12.43 -20.15
N ILE A 233 -17.84 11.92 -18.92
CA ILE A 233 -18.37 12.79 -17.87
C ILE A 233 -17.34 13.83 -17.46
N THR A 234 -16.05 13.54 -17.63
CA THR A 234 -15.04 14.55 -17.36
C THR A 234 -15.19 15.74 -18.29
N ALA A 235 -15.45 15.48 -19.58
CA ALA A 235 -15.70 16.56 -20.51
C ALA A 235 -16.92 17.37 -20.11
N ASN A 236 -17.96 16.69 -19.62
CA ASN A 236 -19.15 17.41 -19.15
C ASN A 236 -18.85 18.22 -17.90
N ILE A 237 -18.07 17.65 -16.97
CA ILE A 237 -17.81 18.31 -15.69
C ILE A 237 -17.04 19.60 -15.91
N LEU A 238 -16.02 19.56 -16.77
CA LEU A 238 -15.16 20.72 -16.96
C LEU A 238 -15.88 21.89 -17.64
N ALA A 239 -16.95 21.61 -18.39
CA ALA A 239 -17.73 22.66 -19.04
C ALA A 239 -18.85 23.18 -18.16
N LYS A 240 -19.12 22.55 -17.02
CA LYS A 240 -20.26 22.91 -16.19
C LYS A 240 -20.04 24.27 -15.53
N LYS A 241 -21.01 25.16 -15.69
CA LYS A 241 -20.96 26.47 -15.06
C LYS A 241 -21.65 26.42 -13.70
N ASP A 242 -21.08 27.14 -12.74
CA ASP A 242 -21.72 27.28 -11.43
C ASP A 242 -22.96 28.16 -11.56
N ASP A 243 -23.95 27.89 -10.72
CA ASP A 243 -25.15 28.71 -10.67
C ASP A 243 -25.22 29.57 -9.42
N LEU A 244 -24.27 29.44 -8.50
CA LEU A 244 -24.16 30.34 -7.36
C LEU A 244 -23.13 31.45 -7.59
N THR A 245 -22.19 31.25 -8.49
CA THR A 245 -21.22 32.25 -8.90
C THR A 245 -21.13 32.24 -10.43
N ASN A 246 -20.26 33.09 -10.97
CA ASN A 246 -20.01 33.11 -12.41
C ASN A 246 -18.76 32.32 -12.79
N ASN A 247 -18.35 31.38 -11.96
CA ASN A 247 -17.18 30.54 -12.23
C ASN A 247 -17.61 29.19 -12.78
N TYR A 248 -16.62 28.38 -13.17
CA TYR A 248 -16.87 26.99 -13.49
C TYR A 248 -17.07 26.20 -12.21
N LEU A 249 -18.03 25.27 -12.23
CA LEU A 249 -18.41 24.57 -11.00
C LEU A 249 -17.28 23.73 -10.44
N VAL A 250 -16.42 23.18 -11.30
CA VAL A 250 -15.34 22.32 -10.82
C VAL A 250 -14.30 23.15 -10.07
N ASP A 251 -14.18 24.43 -10.36
CA ASP A 251 -13.25 25.29 -9.64
C ASP A 251 -13.76 25.70 -8.27
N MET A 252 -15.05 25.46 -7.98
CA MET A 252 -15.63 25.78 -6.69
C MET A 252 -15.72 24.59 -5.75
N ILE A 253 -15.24 23.42 -6.18
CA ILE A 253 -15.34 22.20 -5.40
C ILE A 253 -14.08 22.05 -4.55
N LEU A 254 -14.26 21.70 -3.29
CA LEU A 254 -13.13 21.52 -2.39
C LEU A 254 -12.37 20.25 -2.76
N ASP A 255 -11.04 20.37 -2.80
CA ASP A 255 -10.18 19.28 -3.25
C ASP A 255 -9.85 18.30 -2.12
N ILE A 256 -10.87 17.82 -1.43
CA ILE A 256 -10.74 16.75 -0.44
C ILE A 256 -11.52 15.56 -0.95
N ALA A 257 -10.81 14.51 -1.36
CA ALA A 257 -11.45 13.34 -1.94
C ALA A 257 -12.03 12.44 -0.86
N GLY A 258 -13.29 12.04 -1.03
CA GLY A 258 -13.85 11.01 -0.20
C GLY A 258 -13.43 9.63 -0.68
N ALA A 259 -13.72 8.63 0.15
CA ALA A 259 -13.41 7.23 -0.16
C ALA A 259 -14.19 6.36 0.79
N LYS A 260 -14.71 5.24 0.28
CA LYS A 260 -15.59 4.40 1.09
C LYS A 260 -15.08 2.97 1.26
N GLY A 261 -13.82 2.70 0.92
CA GLY A 261 -13.21 1.46 1.34
C GLY A 261 -12.64 0.57 0.25
N THR A 262 -13.30 0.49 -0.90
CA THR A 262 -12.93 -0.51 -1.89
C THR A 262 -11.54 -0.27 -2.46
N GLY A 263 -11.15 1.00 -2.63
CA GLY A 263 -9.80 1.29 -3.07
C GLY A 263 -8.77 0.88 -2.04
N LYS A 264 -9.02 1.20 -0.77
CA LYS A 264 -8.13 0.77 0.30
C LYS A 264 -8.02 -0.75 0.36
N TRP A 265 -9.15 -1.44 0.21
CA TRP A 265 -9.15 -2.90 0.28
C TRP A 265 -8.28 -3.51 -0.81
N THR A 266 -8.40 -3.00 -2.04
CA THR A 266 -7.55 -3.46 -3.14
C THR A 266 -6.08 -3.32 -2.79
N MET A 267 -5.72 -2.17 -2.19
CA MET A 267 -4.35 -1.91 -1.78
C MET A 267 -3.91 -2.87 -0.67
N LEU A 268 -4.78 -3.11 0.31
CA LEU A 268 -4.43 -4.04 1.39
C LEU A 268 -4.16 -5.43 0.83
N GLU A 269 -4.98 -5.87 -0.14
CA GLU A 269 -4.79 -7.18 -0.75
C GLU A 269 -3.48 -7.24 -1.54
N ALA A 270 -3.18 -6.19 -2.31
CA ALA A 270 -1.94 -6.18 -3.08
C ALA A 270 -0.73 -6.22 -2.16
N THR A 271 -0.75 -5.43 -1.08
CA THR A 271 0.36 -5.43 -0.14
C THR A 271 0.52 -6.78 0.54
N GLU A 272 -0.59 -7.33 1.06
CA GLU A 272 -0.52 -8.56 1.85
C GLU A 272 -0.02 -9.72 1.00
N ARG A 273 -0.42 -9.77 -0.26
CA ARG A 273 -0.06 -10.88 -1.14
C ARG A 273 1.21 -10.60 -1.95
N GLY A 274 1.83 -9.44 -1.78
CA GLY A 274 3.06 -9.14 -2.50
C GLY A 274 2.86 -8.97 -3.99
N ILE A 275 1.73 -8.42 -4.42
CA ILE A 275 1.43 -8.18 -5.82
C ILE A 275 1.56 -6.69 -6.09
N PRO A 276 2.47 -6.26 -6.96
CA PRO A 276 2.77 -4.82 -7.10
C PRO A 276 1.67 -4.10 -7.86
N CYS A 277 1.08 -3.09 -7.21
CA CYS A 277 0.04 -2.25 -7.81
C CYS A 277 0.42 -0.78 -7.59
N PRO A 278 1.48 -0.30 -8.23
CA PRO A 278 1.95 1.07 -7.97
C PRO A 278 0.96 2.15 -8.36
N THR A 279 0.27 1.98 -9.49
CA THR A 279 -0.73 2.97 -9.88
C THR A 279 -1.86 3.06 -8.86
N MET A 280 -2.19 1.93 -8.22
CA MET A 280 -3.18 1.93 -7.15
C MET A 280 -2.71 2.77 -5.98
N CYS A 281 -1.46 2.60 -5.57
CA CYS A 281 -0.91 3.39 -4.46
CA CYS A 281 -0.95 3.39 -4.45
C CYS A 281 -0.97 4.88 -4.78
N ALA A 282 -0.64 5.24 -6.02
CA ALA A 282 -0.62 6.65 -6.38
C ALA A 282 -2.01 7.27 -6.26
N ALA A 283 -3.04 6.55 -6.73
CA ALA A 283 -4.40 7.06 -6.61
C ALA A 283 -4.80 7.21 -5.15
N LEU A 284 -4.46 6.22 -4.32
CA LEU A 284 -4.76 6.32 -2.89
C LEU A 284 -3.95 7.41 -2.22
N ASP A 285 -2.66 7.52 -2.57
CA ASP A 285 -1.82 8.58 -2.03
C ASP A 285 -2.47 9.94 -2.27
N ALA A 286 -2.94 10.18 -3.49
CA ALA A 286 -3.55 11.46 -3.81
C ALA A 286 -4.76 11.73 -2.93
N ARG A 287 -5.63 10.74 -2.77
CA ARG A 287 -6.83 10.93 -1.94
C ARG A 287 -6.45 11.13 -0.48
N ASN A 288 -5.49 10.35 0.03
CA ASN A 288 -5.12 10.45 1.44
C ASN A 288 -4.40 11.75 1.74
N ILE A 289 -3.54 12.21 0.82
CA ILE A 289 -2.85 13.48 0.99
C ILE A 289 -3.84 14.64 0.95
N SER A 290 -4.87 14.53 0.10
CA SER A 290 -5.83 15.62 -0.03
C SER A 290 -6.57 15.91 1.26
N VAL A 291 -6.68 14.92 2.15
CA VAL A 291 -7.44 15.10 3.39
C VAL A 291 -6.84 16.22 4.23
N PHE A 292 -5.51 16.36 4.22
CA PHE A 292 -4.82 17.32 5.10
C PHE A 292 -4.75 18.69 4.42
N LYS A 293 -5.93 19.25 4.17
CA LYS A 293 -6.02 20.52 3.43
C LYS A 293 -5.31 21.65 4.15
N GLU A 294 -5.50 21.75 5.47
CA GLU A 294 -4.88 22.83 6.23
C GLU A 294 -3.37 22.69 6.28
N LEU A 295 -2.88 21.45 6.44
CA LEU A 295 -1.44 21.21 6.44
C LEU A 295 -0.85 21.52 5.06
N ARG A 296 -1.55 21.14 4.00
CA ARG A 296 -1.06 21.42 2.64
C ARG A 296 -0.96 22.92 2.39
N THR A 297 -1.92 23.70 2.92
CA THR A 297 -1.89 25.14 2.72
C THR A 297 -0.71 25.76 3.48
N LYS A 298 -0.54 25.40 4.74
CA LYS A 298 0.60 25.90 5.51
C LYS A 298 1.92 25.46 4.90
N ALA A 299 1.98 24.21 4.42
CA ALA A 299 3.19 23.71 3.78
C ALA A 299 3.53 24.50 2.53
N GLU A 300 2.51 24.87 1.74
CA GLU A 300 2.78 25.68 0.56
C GLU A 300 3.11 27.12 0.93
N SER A 301 2.60 27.61 2.06
CA SER A 301 2.98 28.95 2.50
C SER A 301 4.45 29.00 2.89
N ASN A 302 5.06 27.86 3.21
CA ASN A 302 6.49 27.79 3.46
C ASN A 302 7.25 27.40 2.20
N PHE A 303 6.73 26.44 1.43
CA PHE A 303 7.29 26.05 0.15
C PHE A 303 6.36 26.57 -0.94
N ASN A 304 6.54 27.85 -1.29
CA ASN A 304 5.66 28.49 -2.26
C ASN A 304 5.75 27.79 -3.61
N LYS A 305 4.59 27.47 -4.18
CA LYS A 305 4.49 26.91 -5.52
C LYS A 305 4.46 28.06 -6.51
N ASP A 306 5.60 28.35 -7.14
CA ASP A 306 5.67 29.43 -8.11
C ASP A 306 4.79 29.13 -9.32
N ASN A 307 4.24 30.19 -9.91
CA ASN A 307 3.43 30.04 -11.12
C ASN A 307 4.30 29.51 -12.25
N ILE A 308 3.73 28.59 -13.02
CA ILE A 308 4.47 27.90 -14.08
C ILE A 308 4.60 28.84 -15.27
N LEU A 309 5.82 29.27 -15.55
CA LEU A 309 6.13 30.07 -16.74
C LEU A 309 6.92 29.18 -17.70
N ILE A 310 6.27 28.80 -18.80
CA ILE A 310 6.88 27.86 -19.73
C ILE A 310 8.02 28.53 -20.48
N ASP A 311 9.13 27.81 -20.62
CA ASP A 311 10.21 28.25 -21.49
C ASP A 311 9.67 28.57 -22.88
N PRO A 312 9.94 29.75 -23.41
CA PRO A 312 9.46 30.06 -24.77
C PRO A 312 10.03 29.14 -25.83
N ASN A 313 11.19 28.56 -25.59
CA ASN A 313 11.80 27.60 -26.51
C ASN A 313 11.39 26.16 -26.22
N GLU A 314 10.37 25.95 -25.39
CA GLU A 314 9.94 24.60 -25.06
C GLU A 314 9.21 23.98 -26.25
N ASP A 315 9.61 22.77 -26.63
CA ASP A 315 9.01 22.05 -27.74
C ASP A 315 7.70 21.43 -27.26
N LEU A 316 6.59 22.12 -27.50
CA LEU A 316 5.28 21.67 -27.04
C LEU A 316 4.31 21.43 -28.19
N ASN A 317 4.79 21.36 -29.43
CA ASN A 317 3.94 20.93 -30.53
C ASN A 317 3.76 19.42 -30.46
N ASP A 318 2.55 18.96 -30.77
CA ASP A 318 2.11 17.57 -30.62
C ASP A 318 2.07 17.14 -29.16
N PHE A 319 2.26 18.06 -28.22
CA PHE A 319 2.24 17.68 -26.81
C PHE A 319 0.86 17.20 -26.38
N GLU A 320 -0.20 17.81 -26.92
CA GLU A 320 -1.55 17.36 -26.60
C GLU A 320 -1.77 15.94 -27.10
N ASN A 321 -1.22 15.59 -28.26
CA ASN A 321 -1.33 14.23 -28.77
C ASN A 321 -0.43 13.28 -27.99
N ASP A 322 0.74 13.76 -27.55
CA ASP A 322 1.58 12.93 -26.69
C ASP A 322 0.86 12.58 -25.39
N LEU A 323 0.09 13.54 -24.84
CA LEU A 323 -0.63 13.27 -23.62
C LEU A 323 -1.74 12.25 -23.83
N LEU A 324 -2.41 12.31 -24.98
CA LEU A 324 -3.40 11.29 -25.33
C LEU A 324 -2.76 9.90 -25.30
N ASN A 325 -1.63 9.75 -26.00
CA ASN A 325 -0.96 8.45 -26.06
C ASN A 325 -0.45 8.03 -24.68
N ALA A 326 0.05 8.99 -23.90
CA ALA A 326 0.55 8.66 -22.56
C ALA A 326 -0.57 8.17 -21.66
N LEU A 327 -1.71 8.85 -21.69
CA LEU A 327 -2.85 8.43 -20.86
C LEU A 327 -3.34 7.04 -21.28
N TYR A 328 -3.42 6.78 -22.59
CA TYR A 328 -3.78 5.45 -23.04
C TYR A 328 -2.73 4.42 -22.63
N CYS A 329 -1.45 4.78 -22.75
CA CYS A 329 -0.38 3.89 -22.32
C CYS A 329 -0.50 3.56 -20.83
N CYS A 330 -0.86 4.55 -20.01
CA CYS A 330 -1.01 4.31 -18.59
C CYS A 330 -2.20 3.42 -18.26
N LYS A 331 -3.28 3.52 -19.04
CA LYS A 331 -4.41 2.63 -18.83
C LYS A 331 -4.02 1.18 -19.11
N ILE A 332 -3.25 0.94 -20.17
CA ILE A 332 -2.73 -0.40 -20.43
C ILE A 332 -1.92 -0.89 -19.23
N ILE A 333 -1.06 -0.03 -18.69
CA ILE A 333 -0.21 -0.40 -17.58
C ILE A 333 -1.02 -0.61 -16.31
N SER A 334 -1.99 0.28 -16.06
CA SER A 334 -2.80 0.16 -14.85
C SER A 334 -3.67 -1.08 -14.87
N TYR A 335 -4.30 -1.36 -16.03
CA TYR A 335 -5.14 -2.55 -16.12
C TYR A 335 -4.29 -3.82 -16.06
N THR A 336 -3.06 -3.76 -16.57
CA THR A 336 -2.15 -4.88 -16.42
C THR A 336 -1.96 -5.24 -14.95
N GLN A 337 -1.76 -4.23 -14.10
CA GLN A 337 -1.60 -4.49 -12.66
C GLN A 337 -2.86 -5.11 -12.07
N GLY A 338 -4.03 -4.55 -12.41
CA GLY A 338 -5.27 -5.05 -11.84
C GLY A 338 -5.59 -6.46 -12.31
N LEU A 339 -5.36 -6.75 -13.59
CA LEU A 339 -5.64 -8.08 -14.10
C LEU A 339 -4.60 -9.08 -13.61
N PHE A 340 -3.36 -8.64 -13.37
CA PHE A 340 -2.37 -9.52 -12.76
C PHE A 340 -2.77 -9.87 -11.33
N LEU A 341 -3.29 -8.89 -10.59
CA LEU A 341 -3.78 -9.15 -9.24
C LEU A 341 -4.92 -10.17 -9.26
N LEU A 342 -5.87 -10.01 -10.17
CA LEU A 342 -6.99 -10.94 -10.26
C LEU A 342 -6.51 -12.35 -10.64
N LYS A 343 -5.50 -12.43 -11.51
CA LYS A 343 -5.00 -13.73 -11.94
C LYS A 343 -4.31 -14.46 -10.78
N GLN A 344 -3.44 -13.76 -10.05
CA GLN A 344 -2.71 -14.40 -8.96
CA GLN A 344 -2.71 -14.41 -8.96
C GLN A 344 -3.64 -14.79 -7.82
N VAL A 345 -4.59 -13.91 -7.48
CA VAL A 345 -5.53 -14.24 -6.41
C VAL A 345 -6.42 -15.42 -6.84
N SER A 346 -6.87 -15.43 -8.09
CA SER A 346 -7.65 -16.56 -8.57
C SER A 346 -6.89 -17.87 -8.42
N GLU A 347 -5.60 -17.86 -8.75
CA GLU A 347 -4.79 -19.06 -8.60
C GLU A 347 -4.61 -19.44 -7.14
N GLU A 348 -4.42 -18.44 -6.26
CA GLU A 348 -4.22 -18.72 -4.84
C GLU A 348 -5.50 -19.21 -4.17
N MET A 349 -6.66 -18.69 -4.59
CA MET A 349 -7.94 -19.10 -4.02
C MET A 349 -8.61 -20.23 -4.77
N ASN A 350 -8.03 -20.66 -5.90
CA ASN A 350 -8.64 -21.65 -6.78
C ASN A 350 -10.05 -21.23 -7.19
N TRP A 351 -10.16 -19.98 -7.65
CA TRP A 351 -11.44 -19.43 -8.07
C TRP A 351 -11.72 -19.67 -9.55
N LYS A 352 -10.69 -19.98 -10.34
CA LYS A 352 -10.84 -20.20 -11.78
C LYS A 352 -11.51 -19.02 -12.47
N LEU A 353 -11.09 -17.80 -12.10
CA LEU A 353 -11.65 -16.60 -12.70
C LEU A 353 -11.44 -16.61 -14.20
N ASN A 354 -12.46 -16.18 -14.93
CA ASN A 354 -12.39 -16.04 -16.38
C ASN A 354 -12.22 -14.55 -16.68
N LEU A 355 -10.98 -14.14 -16.95
CA LEU A 355 -10.69 -12.72 -17.13
C LEU A 355 -11.31 -12.17 -18.41
N GLY A 356 -11.46 -13.00 -19.43
CA GLY A 356 -12.15 -12.55 -20.63
C GLY A 356 -13.62 -12.26 -20.38
N GLU A 357 -14.26 -13.08 -19.53
CA GLU A 357 -15.65 -12.84 -19.16
C GLU A 357 -15.79 -11.59 -18.30
N ILE A 358 -14.85 -11.40 -17.37
CA ILE A 358 -14.89 -10.22 -16.51
C ILE A 358 -14.72 -8.96 -17.35
N ALA A 359 -13.76 -8.97 -18.28
CA ALA A 359 -13.60 -7.83 -19.18
C ALA A 359 -14.83 -7.60 -20.03
N ARG A 360 -15.51 -8.68 -20.44
CA ARG A 360 -16.68 -8.55 -21.29
C ARG A 360 -17.80 -7.81 -20.57
N ILE A 361 -18.07 -8.16 -19.32
CA ILE A 361 -19.17 -7.52 -18.58
C ILE A 361 -18.77 -6.15 -18.04
N TRP A 362 -17.51 -5.77 -18.12
CA TRP A 362 -17.09 -4.41 -17.81
C TRP A 362 -17.21 -3.46 -19.00
N ARG A 363 -17.60 -3.99 -20.17
CA ARG A 363 -17.75 -3.14 -21.35
C ARG A 363 -18.96 -2.21 -21.24
N GLY A 364 -19.91 -2.52 -20.37
CA GLY A 364 -21.08 -1.68 -20.19
C GLY A 364 -21.55 -1.70 -18.75
N GLY A 365 -22.40 -0.74 -18.43
CA GLY A 365 -23.02 -0.70 -17.12
C GLY A 365 -22.13 -0.11 -16.03
N CYS A 366 -20.90 -0.60 -15.94
CA CYS A 366 -20.00 -0.22 -14.86
C CYS A 366 -19.35 1.14 -15.14
N ILE A 367 -18.59 1.63 -14.16
CA ILE A 367 -18.01 2.97 -14.26
C ILE A 367 -16.80 3.00 -15.19
N ILE A 368 -16.03 1.91 -15.25
CA ILE A 368 -14.82 1.91 -16.07
C ILE A 368 -15.16 1.51 -17.50
N ARG A 369 -16.45 1.47 -17.83
CA ARG A 369 -16.88 1.01 -19.15
C ARG A 369 -16.20 1.84 -20.24
N ALA A 370 -15.79 1.16 -21.30
CA ALA A 370 -15.00 1.74 -22.38
C ALA A 370 -14.84 0.70 -23.47
N VAL A 371 -14.64 1.17 -24.70
CA VAL A 371 -14.28 0.25 -25.79
C VAL A 371 -12.93 -0.39 -25.51
N PHE A 372 -12.13 0.22 -24.63
CA PHE A 372 -10.88 -0.37 -24.17
C PHE A 372 -11.11 -1.77 -23.60
N LEU A 373 -12.21 -1.98 -22.89
CA LEU A 373 -12.48 -3.27 -22.27
C LEU A 373 -12.81 -4.35 -23.30
N ASP A 374 -13.28 -3.98 -24.49
CA ASP A 374 -13.50 -4.95 -25.54
C ASP A 374 -12.18 -5.46 -26.09
N ARG A 375 -11.16 -4.60 -26.14
CA ARG A 375 -9.82 -5.05 -26.53
C ARG A 375 -9.26 -6.02 -25.51
N ILE A 376 -9.44 -5.73 -24.23
CA ILE A 376 -8.96 -6.63 -23.18
C ILE A 376 -9.69 -7.97 -23.27
N ALA A 377 -11.01 -7.94 -23.46
CA ALA A 377 -11.77 -9.18 -23.59
C ALA A 377 -11.23 -10.04 -24.73
N ASN A 378 -10.98 -9.42 -25.89
CA ASN A 378 -10.45 -10.17 -27.02
C ASN A 378 -9.08 -10.77 -26.71
N ALA A 379 -8.25 -10.03 -25.96
CA ALA A 379 -6.92 -10.52 -25.63
C ALA A 379 -6.98 -11.79 -24.79
N TYR A 380 -7.93 -11.85 -23.86
CA TYR A 380 -8.04 -13.03 -23.00
C TYR A 380 -8.87 -14.14 -23.64
N LYS A 381 -9.79 -13.81 -24.56
CA LYS A 381 -10.44 -14.85 -25.34
C LYS A 381 -9.43 -15.59 -26.21
N ASN A 382 -8.39 -14.90 -26.66
CA ASN A 382 -7.37 -15.52 -27.49
C ASN A 382 -6.33 -16.26 -26.66
N ASN A 383 -5.99 -15.76 -25.47
CA ASN A 383 -5.03 -16.42 -24.57
C ASN A 383 -5.59 -16.32 -23.16
N GLU A 384 -6.26 -17.38 -22.73
CA GLU A 384 -6.89 -17.38 -21.41
C GLU A 384 -5.88 -17.31 -20.27
N LYS A 385 -4.64 -17.73 -20.52
CA LYS A 385 -3.61 -17.77 -19.49
C LYS A 385 -2.58 -16.64 -19.64
N LEU A 386 -2.96 -15.56 -20.34
CA LEU A 386 -2.07 -14.42 -20.53
C LEU A 386 -1.56 -13.91 -19.18
N GLU A 387 -0.23 -13.82 -19.06
CA GLU A 387 0.38 -13.45 -17.79
C GLU A 387 0.22 -11.96 -17.51
N LEU A 388 0.66 -11.12 -18.45
CA LEU A 388 0.55 -9.67 -18.33
C LEU A 388 -0.21 -9.14 -19.54
N LEU A 389 -1.15 -8.22 -19.29
CA LEU A 389 -2.02 -7.75 -20.36
C LEU A 389 -1.21 -7.20 -21.54
N PHE A 390 -0.19 -6.38 -21.25
CA PHE A 390 0.53 -5.77 -22.36
C PHE A 390 1.52 -6.72 -23.03
N LEU A 391 1.50 -8.00 -22.68
CA LEU A 391 2.23 -9.01 -23.44
C LEU A 391 1.43 -9.55 -24.62
N ASP A 392 0.12 -9.26 -24.67
CA ASP A 392 -0.65 -9.54 -25.86
C ASP A 392 -0.06 -8.77 -27.04
N ASN A 393 -0.13 -9.38 -28.22
CA ASN A 393 0.58 -8.85 -29.39
C ASN A 393 0.13 -7.43 -29.72
N GLU A 394 -1.18 -7.17 -29.68
CA GLU A 394 -1.68 -5.85 -30.05
C GLU A 394 -1.32 -4.82 -28.98
N PHE A 395 -1.52 -5.15 -27.70
CA PHE A 395 -1.18 -4.22 -26.64
C PHE A 395 0.33 -3.97 -26.59
N SER A 396 1.12 -4.99 -26.87
CA SER A 396 2.57 -4.82 -26.90
C SER A 396 2.97 -3.78 -27.94
N ASP A 397 2.36 -3.84 -29.13
CA ASP A 397 2.64 -2.84 -30.15
C ASP A 397 2.19 -1.45 -29.72
N ASP A 398 1.06 -1.35 -29.02
CA ASP A 398 0.61 -0.07 -28.49
C ASP A 398 1.64 0.52 -27.53
N ILE A 399 2.17 -0.31 -26.62
CA ILE A 399 3.17 0.15 -25.67
C ILE A 399 4.40 0.67 -26.41
N LYS A 400 4.92 -0.12 -27.36
CA LYS A 400 6.14 0.27 -28.05
C LYS A 400 5.97 1.56 -28.83
N ASN A 401 4.76 1.86 -29.31
CA ASN A 401 4.52 3.08 -30.06
C ASN A 401 4.20 4.28 -29.18
N LYS A 402 3.57 4.06 -28.03
CA LYS A 402 3.10 5.15 -27.19
C LYS A 402 4.00 5.44 -25.99
N LEU A 403 4.92 4.54 -25.66
CA LEU A 403 5.80 4.79 -24.52
C LEU A 403 6.66 6.04 -24.65
N PRO A 404 7.24 6.37 -25.80
CA PRO A 404 7.96 7.66 -25.89
C PRO A 404 7.10 8.86 -25.53
N SER A 405 5.81 8.83 -25.85
CA SER A 405 4.93 9.91 -25.44
C SER A 405 4.78 9.94 -23.92
N LEU A 406 4.75 8.77 -23.29
CA LEU A 406 4.66 8.72 -21.83
C LEU A 406 5.90 9.32 -21.19
N ARG A 407 7.08 8.99 -21.71
CA ARG A 407 8.31 9.58 -21.19
C ARG A 407 8.31 11.10 -21.38
N LYS A 408 7.80 11.57 -22.52
CA LYS A 408 7.75 13.00 -22.78
C LYS A 408 6.87 13.72 -21.77
N ILE A 409 5.72 13.12 -21.43
CA ILE A 409 4.81 13.74 -20.47
C ILE A 409 5.44 13.78 -19.08
N VAL A 410 6.05 12.68 -18.66
CA VAL A 410 6.68 12.64 -17.34
C VAL A 410 7.84 13.64 -17.29
N LEU A 411 8.57 13.77 -18.39
CA LEU A 411 9.67 14.74 -18.45
C LEU A 411 9.17 16.15 -18.23
N MET A 412 8.16 16.58 -19.00
CA MET A 412 7.69 17.95 -18.91
C MET A 412 7.04 18.23 -17.56
N ALA A 413 6.30 17.26 -17.03
CA ALA A 413 5.68 17.45 -15.71
C ALA A 413 6.75 17.59 -14.63
N THR A 414 7.81 16.77 -14.71
CA THR A 414 8.89 16.88 -13.74
C THR A 414 9.60 18.23 -13.85
N LYS A 415 9.82 18.70 -15.08
CA LYS A 415 10.53 19.96 -15.27
C LYS A 415 9.77 21.12 -14.67
N TYR A 416 8.44 21.09 -14.74
CA TYR A 416 7.61 22.19 -14.26
C TYR A 416 6.92 21.89 -12.93
N SER A 417 7.45 20.91 -12.18
CA SER A 417 7.05 20.66 -10.79
C SER A 417 5.56 20.34 -10.65
N ILE A 418 5.00 19.65 -11.64
CA ILE A 418 3.60 19.22 -11.59
C ILE A 418 3.58 17.80 -11.02
N PRO A 419 2.85 17.55 -9.92
CA PRO A 419 2.82 16.20 -9.36
C PRO A 419 1.97 15.28 -10.21
N ILE A 420 2.59 14.23 -10.72
CA ILE A 420 1.87 13.24 -11.53
C ILE A 420 2.18 11.85 -10.98
N PRO A 421 1.78 11.53 -9.74
CA PRO A 421 2.21 10.25 -9.15
C PRO A 421 1.74 9.03 -9.92
N ALA A 422 0.55 9.07 -10.53
CA ALA A 422 0.04 7.90 -11.23
C ALA A 422 0.75 7.70 -12.57
N PHE A 423 1.05 8.80 -13.27
CA PHE A 423 1.78 8.71 -14.52
C PHE A 423 3.18 8.17 -14.29
N SER A 424 3.90 8.73 -13.31
CA SER A 424 5.28 8.29 -13.07
C SER A 424 5.33 6.89 -12.48
N ALA A 425 4.36 6.55 -11.62
CA ALA A 425 4.31 5.19 -11.08
C ALA A 425 4.03 4.16 -12.17
N SER A 426 3.18 4.52 -13.14
CA SER A 426 2.91 3.61 -14.24
C SER A 426 4.15 3.40 -15.11
N LEU A 427 4.88 4.48 -15.39
CA LEU A 427 6.10 4.36 -16.18
C LEU A 427 7.16 3.56 -15.44
N ALA A 428 7.30 3.78 -14.14
CA ALA A 428 8.24 3.01 -13.34
C ALA A 428 7.87 1.53 -13.32
N TYR A 429 6.58 1.23 -13.18
CA TYR A 429 6.14 -0.17 -13.13
C TYR A 429 6.49 -0.90 -14.42
N PHE A 430 6.23 -0.26 -15.57
CA PHE A 430 6.55 -0.90 -16.84
C PHE A 430 8.05 -1.13 -16.97
N GLN A 431 8.86 -0.15 -16.56
CA GLN A 431 10.30 -0.27 -16.74
C GLN A 431 10.88 -1.36 -15.84
N MET A 432 10.35 -1.51 -14.63
CA MET A 432 10.84 -2.54 -13.73
C MET A 432 10.39 -3.94 -14.16
N VAL A 433 9.11 -4.08 -14.51
CA VAL A 433 8.60 -5.40 -14.86
C VAL A 433 9.19 -5.90 -16.18
N THR A 434 9.72 -5.00 -17.00
CA THR A 434 10.39 -5.39 -18.25
C THR A 434 11.91 -5.31 -18.14
N SER A 435 12.45 -5.37 -16.92
CA SER A 435 13.89 -5.37 -16.68
C SER A 435 14.29 -6.74 -16.15
N GLN A 436 15.05 -7.49 -16.96
CA GLN A 436 15.56 -8.78 -16.52
C GLN A 436 16.45 -8.64 -15.29
N ASN A 437 17.19 -7.55 -15.18
CA ASN A 437 18.09 -7.31 -14.07
C ASN A 437 17.70 -6.01 -13.37
N LEU A 438 17.41 -6.11 -12.08
CA LEU A 438 17.05 -4.98 -11.23
C LEU A 438 18.08 -4.84 -10.12
N PRO A 439 18.17 -3.66 -9.48
CA PRO A 439 19.22 -3.46 -8.47
C PRO A 439 18.91 -4.10 -7.12
N LEU A 440 18.03 -5.10 -7.09
CA LEU A 440 17.80 -5.82 -5.84
C LEU A 440 18.98 -6.70 -5.45
N ASN A 441 19.98 -6.83 -6.31
CA ASN A 441 21.20 -7.55 -5.91
C ASN A 441 21.93 -6.79 -4.80
N LEU A 442 21.91 -5.46 -4.87
CA LEU A 442 22.51 -4.67 -3.79
C LEU A 442 21.67 -4.80 -2.52
N VAL A 443 20.35 -4.80 -2.64
CA VAL A 443 19.48 -4.96 -1.48
C VAL A 443 19.76 -6.30 -0.79
N GLN A 444 19.91 -7.37 -1.58
CA GLN A 444 20.22 -8.67 -1.00
C GLN A 444 21.57 -8.66 -0.30
N ALA A 445 22.56 -7.98 -0.90
CA ALA A 445 23.88 -7.88 -0.28
C ALA A 445 23.80 -7.15 1.06
N GLN A 446 23.05 -6.04 1.10
CA GLN A 446 22.89 -5.32 2.36
C GLN A 446 22.22 -6.18 3.41
N ARG A 447 21.14 -6.87 3.05
CA ARG A 447 20.42 -7.72 4.00
C ARG A 447 21.32 -8.82 4.54
N ASP A 448 22.17 -9.41 3.68
CA ASP A 448 23.11 -10.40 4.18
C ASP A 448 24.15 -9.75 5.08
N TYR A 449 24.57 -8.53 4.73
CA TYR A 449 25.57 -7.82 5.52
C TYR A 449 25.06 -7.55 6.94
N PHE A 450 23.91 -6.89 7.07
CA PHE A 450 23.45 -6.51 8.40
C PHE A 450 22.56 -7.55 9.06
N GLY A 451 22.06 -8.54 8.33
CA GLY A 451 21.11 -9.47 8.92
C GLY A 451 21.45 -10.94 8.73
N SER A 452 22.51 -11.23 7.98
CA SER A 452 22.91 -12.60 7.67
C SER A 452 21.76 -13.41 7.06
N HIS A 453 20.93 -12.74 6.26
CA HIS A 453 19.76 -13.39 5.67
C HIS A 453 20.10 -14.32 4.52
N THR A 454 21.37 -14.36 4.10
CA THR A 454 21.85 -15.13 2.96
C THR A 454 21.29 -14.60 1.64
N TYR A 455 21.92 -14.99 0.53
CA TYR A 455 21.51 -14.58 -0.80
C TYR A 455 21.73 -15.73 -1.76
N ARG A 456 21.09 -15.64 -2.92
CA ARG A 456 21.31 -16.60 -4.00
C ARG A 456 22.23 -15.99 -5.05
N ARG A 457 22.89 -16.86 -5.80
CA ARG A 457 23.84 -16.45 -6.82
C ARG A 457 23.25 -16.67 -8.21
N THR A 458 23.83 -15.97 -9.19
CA THR A 458 23.40 -16.11 -10.58
C THR A 458 24.06 -17.28 -11.30
N ASP A 459 25.18 -17.79 -10.80
CA ASP A 459 25.97 -18.77 -11.50
C ASP A 459 25.90 -20.17 -10.90
N ARG A 460 25.19 -20.35 -9.79
CA ARG A 460 25.14 -21.65 -9.13
C ARG A 460 24.01 -21.66 -8.13
N GLU A 461 23.56 -22.87 -7.77
CA GLU A 461 22.48 -23.06 -6.82
C GLU A 461 22.99 -22.89 -5.39
N GLY A 462 22.06 -22.71 -4.48
CA GLY A 462 22.35 -22.67 -3.05
C GLY A 462 22.13 -21.30 -2.45
N ASN A 463 22.14 -21.29 -1.12
CA ASN A 463 22.03 -20.07 -0.33
C ASN A 463 23.39 -19.77 0.30
N TYR A 464 23.85 -18.53 0.13
CA TYR A 464 25.21 -18.16 0.50
C TYR A 464 25.21 -17.01 1.49
N HIS A 465 26.10 -17.09 2.49
CA HIS A 465 26.36 -16.01 3.42
C HIS A 465 27.82 -15.61 3.31
N THR A 466 28.08 -14.32 3.24
CA THR A 466 29.42 -13.77 3.07
C THR A 466 29.84 -13.02 4.31
N LEU A 467 31.11 -13.17 4.71
CA LEU A 467 31.72 -12.33 5.73
C LEU A 467 32.28 -11.10 5.03
N TRP A 468 31.44 -10.09 4.86
CA TRP A 468 31.78 -8.91 4.08
C TRP A 468 32.91 -8.10 4.71
N MET B 1 22.16 -15.49 42.92
CA MET B 1 21.07 -15.55 41.95
C MET B 1 21.35 -14.64 40.76
N CYS B 2 20.65 -14.88 39.66
CA CYS B 2 20.87 -14.14 38.42
C CYS B 2 20.05 -12.86 38.40
N ASP B 3 20.65 -11.80 37.85
CA ASP B 3 19.93 -10.54 37.73
C ASP B 3 18.83 -10.61 36.68
N ILE B 4 19.00 -11.46 35.66
CA ILE B 4 18.05 -11.55 34.56
C ILE B 4 18.25 -12.90 33.88
N GLY B 5 17.25 -13.31 33.09
CA GLY B 5 17.35 -14.52 32.32
C GLY B 5 16.98 -14.28 30.87
N LEU B 6 17.43 -15.19 30.02
CA LEU B 6 17.18 -15.10 28.58
C LEU B 6 16.82 -16.47 28.04
N ILE B 7 15.77 -16.51 27.21
CA ILE B 7 15.29 -17.74 26.60
C ILE B 7 15.37 -17.59 25.09
N GLY B 8 15.95 -18.58 24.43
CA GLY B 8 16.12 -18.54 22.99
C GLY B 8 17.55 -18.21 22.61
N LEU B 9 18.32 -19.23 22.23
CA LEU B 9 19.76 -19.02 22.05
C LEU B 9 20.21 -19.24 20.61
N ALA B 10 19.55 -18.57 19.67
CA ALA B 10 20.17 -18.36 18.37
C ALA B 10 21.33 -17.36 18.53
N VAL B 11 21.95 -17.00 17.41
CA VAL B 11 23.09 -16.09 17.48
C VAL B 11 22.70 -14.75 18.10
N MET B 12 21.45 -14.31 17.88
CA MET B 12 20.98 -13.08 18.51
C MET B 12 20.94 -13.21 20.02
N GLY B 13 20.37 -14.32 20.51
CA GLY B 13 20.27 -14.52 21.95
C GLY B 13 21.60 -14.80 22.61
N GLN B 14 22.48 -15.53 21.91
CA GLN B 14 23.81 -15.80 22.46
C GLN B 14 24.60 -14.51 22.63
N ASN B 15 24.60 -13.66 21.60
CA ASN B 15 25.38 -12.43 21.65
C ASN B 15 24.86 -11.48 22.73
N LEU B 16 23.53 -11.36 22.86
CA LEU B 16 22.98 -10.50 23.89
C LEU B 16 23.33 -11.01 25.29
N SER B 17 23.37 -12.34 25.45
CA SER B 17 23.80 -12.90 26.73
C SER B 17 25.24 -12.52 27.04
N LEU B 18 26.11 -12.58 26.03
CA LEU B 18 27.48 -12.12 26.22
C LEU B 18 27.53 -10.63 26.52
N ASN B 19 26.69 -9.84 25.83
CA ASN B 19 26.61 -8.42 26.09
C ASN B 19 26.24 -8.14 27.54
N ILE B 20 25.14 -8.77 28.00
CA ILE B 20 24.69 -8.56 29.38
C ILE B 20 25.78 -8.97 30.37
N SER B 21 26.43 -10.10 30.11
CA SER B 21 27.51 -10.54 31.00
C SER B 21 28.68 -9.57 30.97
N SER B 22 29.04 -9.08 29.78
CA SER B 22 30.18 -8.17 29.66
C SER B 22 29.95 -6.86 30.40
N LYS B 23 28.70 -6.48 30.64
CA LYS B 23 28.39 -5.27 31.37
C LYS B 23 28.29 -5.49 32.88
N GLY B 24 28.60 -6.70 33.35
CA GLY B 24 28.70 -6.97 34.77
C GLY B 24 27.53 -7.67 35.41
N PHE B 25 26.50 -8.01 34.64
CA PHE B 25 25.30 -8.63 35.19
C PHE B 25 25.41 -10.15 35.14
N LYS B 26 24.85 -10.80 36.16
CA LYS B 26 24.79 -12.26 36.23
C LYS B 26 23.51 -12.70 35.51
N ILE B 27 23.69 -13.41 34.40
CA ILE B 27 22.57 -13.80 33.53
C ILE B 27 22.53 -15.31 33.41
N GLY B 28 21.33 -15.87 33.49
CA GLY B 28 21.09 -17.27 33.20
C GLY B 28 20.38 -17.40 31.87
N VAL B 29 20.65 -18.49 31.15
CA VAL B 29 20.09 -18.69 29.82
C VAL B 29 19.49 -20.08 29.72
N TYR B 30 18.51 -20.23 28.84
CA TYR B 30 17.90 -21.52 28.54
C TYR B 30 17.55 -21.57 27.06
N ASN B 31 17.71 -22.75 26.47
CA ASN B 31 17.26 -23.02 25.11
C ASN B 31 16.67 -24.42 25.08
N ARG B 32 15.65 -24.60 24.24
CA ARG B 32 14.98 -25.89 24.17
C ARG B 32 15.96 -27.00 23.79
N THR B 33 16.71 -26.81 22.70
CA THR B 33 17.79 -27.71 22.36
C THR B 33 19.03 -27.31 23.14
N TYR B 34 19.50 -28.22 24.01
CA TYR B 34 20.59 -27.91 24.92
C TYR B 34 21.93 -27.66 24.21
N GLU B 35 22.04 -28.03 22.94
CA GLU B 35 23.29 -27.82 22.21
C GLU B 35 23.64 -26.34 22.13
N ARG B 36 22.63 -25.48 21.98
CA ARG B 36 22.88 -24.04 21.91
C ARG B 36 23.26 -23.47 23.26
N THR B 37 22.73 -24.05 24.35
CA THR B 37 23.08 -23.57 25.68
C THR B 37 24.55 -23.83 25.99
N GLU B 38 25.05 -25.00 25.59
CA GLU B 38 26.48 -25.26 25.73
C GLU B 38 27.30 -24.28 24.91
N GLU B 39 26.96 -24.14 23.62
CA GLU B 39 27.68 -23.23 22.73
C GLU B 39 27.78 -21.82 23.31
N THR B 40 26.71 -21.33 23.93
CA THR B 40 26.76 -20.03 24.58
C THR B 40 27.80 -20.01 25.69
N MET B 41 27.90 -21.10 26.45
CA MET B 41 28.83 -21.13 27.58
C MET B 41 30.27 -21.29 27.11
N LYS B 42 30.51 -22.03 26.02
CA LYS B 42 31.86 -22.11 25.48
C LYS B 42 32.31 -20.75 24.96
N ARG B 43 31.43 -20.05 24.22
CA ARG B 43 31.77 -18.74 23.70
C ARG B 43 32.00 -17.74 24.82
N ALA B 44 31.20 -17.84 25.90
CA ALA B 44 31.44 -16.98 27.05
C ALA B 44 32.82 -17.23 27.64
N LYS B 45 33.21 -18.50 27.77
CA LYS B 45 34.55 -18.82 28.25
C LYS B 45 35.62 -18.18 27.35
N GLU B 46 35.47 -18.39 26.03
CA GLU B 46 36.49 -17.91 25.10
C GLU B 46 36.62 -16.39 25.11
N GLU B 47 35.59 -15.67 25.51
CA GLU B 47 35.62 -14.21 25.59
C GLU B 47 35.77 -13.70 27.02
N ASN B 48 36.21 -14.56 27.94
CA ASN B 48 36.46 -14.19 29.34
C ASN B 48 35.20 -13.63 30.00
N LEU B 49 34.05 -14.22 29.68
CA LEU B 49 32.78 -13.91 30.30
C LEU B 49 32.18 -15.18 30.88
N VAL B 50 31.25 -15.01 31.82
CA VAL B 50 30.58 -16.15 32.44
C VAL B 50 29.08 -16.01 32.21
N VAL B 51 28.49 -17.02 31.58
CA VAL B 51 27.04 -17.12 31.39
C VAL B 51 26.59 -18.44 31.97
N TYR B 52 25.58 -18.40 32.85
CA TYR B 52 25.09 -19.59 33.52
C TYR B 52 23.99 -20.24 32.67
N GLY B 53 24.18 -21.50 32.34
CA GLY B 53 23.21 -22.26 31.57
C GLY B 53 22.35 -23.13 32.47
N TYR B 54 21.10 -23.33 32.06
CA TYR B 54 20.17 -24.17 32.79
C TYR B 54 19.47 -25.11 31.82
N LYS B 55 19.16 -26.31 32.32
CA LYS B 55 18.64 -27.36 31.44
C LYS B 55 17.13 -27.26 31.25
N THR B 56 16.42 -26.68 32.20
CA THR B 56 14.98 -26.44 32.08
C THR B 56 14.67 -25.00 32.44
N VAL B 57 13.45 -24.57 32.12
CA VAL B 57 13.05 -23.20 32.41
C VAL B 57 12.78 -23.03 33.91
N GLU B 58 12.38 -24.10 34.60
CA GLU B 58 12.08 -24.01 36.03
C GLU B 58 13.32 -23.62 36.83
N GLU B 59 14.46 -24.26 36.55
CA GLU B 59 15.68 -23.92 37.27
C GLU B 59 16.10 -22.49 37.00
N LEU B 60 15.95 -22.04 35.76
CA LEU B 60 16.26 -20.65 35.43
C LEU B 60 15.39 -19.69 36.23
N ILE B 61 14.08 -19.94 36.27
CA ILE B 61 13.17 -19.08 37.02
C ILE B 61 13.51 -19.11 38.50
N ASN B 62 13.93 -20.27 39.02
CA ASN B 62 14.27 -20.38 40.43
C ASN B 62 15.53 -19.59 40.79
N ASN B 63 16.41 -19.34 39.82
CA ASN B 63 17.68 -18.66 40.07
C ASN B 63 17.62 -17.17 39.77
N LEU B 64 16.43 -16.61 39.56
CA LEU B 64 16.26 -15.20 39.24
C LEU B 64 15.94 -14.40 40.50
N LYS B 65 16.60 -13.25 40.64
CA LYS B 65 16.27 -12.34 41.73
C LYS B 65 14.89 -11.75 41.51
N LYS B 66 14.21 -11.45 42.62
CA LYS B 66 12.92 -10.80 42.51
C LYS B 66 13.09 -9.28 42.43
N PRO B 67 12.35 -8.59 41.55
CA PRO B 67 11.37 -9.13 40.60
C PRO B 67 12.01 -9.88 39.44
N ARG B 68 11.48 -11.06 39.12
CA ARG B 68 12.08 -11.91 38.09
C ARG B 68 11.87 -11.30 36.71
N LYS B 69 12.96 -11.23 35.94
CA LYS B 69 12.93 -10.69 34.58
C LYS B 69 13.51 -11.73 33.64
N VAL B 70 12.76 -12.06 32.58
CA VAL B 70 13.19 -13.01 31.57
C VAL B 70 13.04 -12.36 30.19
N ILE B 71 14.06 -12.53 29.35
CA ILE B 71 14.06 -11.98 28.00
C ILE B 71 13.74 -13.11 27.03
N LEU B 72 12.84 -12.85 26.09
CA LEU B 72 12.44 -13.82 25.08
C LEU B 72 13.02 -13.40 23.73
N LEU B 73 13.80 -14.31 23.13
CA LEU B 73 14.32 -14.11 21.78
C LEU B 73 13.98 -15.36 20.97
N ILE B 74 12.68 -15.57 20.78
CA ILE B 74 12.15 -16.76 20.12
C ILE B 74 11.60 -16.36 18.76
N LYS B 75 11.82 -17.21 17.77
CA LYS B 75 11.30 -16.96 16.42
C LYS B 75 9.78 -16.80 16.47
N ALA B 76 9.29 -15.78 15.77
CA ALA B 76 7.87 -15.44 15.84
C ALA B 76 7.00 -16.62 15.43
N GLY B 77 6.04 -16.95 16.30
CA GLY B 77 5.15 -18.06 16.07
C GLY B 77 4.52 -18.54 17.36
N PRO B 78 3.84 -19.68 17.32
CA PRO B 78 3.19 -20.20 18.54
C PRO B 78 4.16 -20.52 19.66
N ALA B 79 5.44 -20.73 19.34
CA ALA B 79 6.43 -21.04 20.38
C ALA B 79 6.58 -19.90 21.37
N VAL B 80 6.33 -18.66 20.93
CA VAL B 80 6.40 -17.52 21.86
C VAL B 80 5.29 -17.64 22.91
N ASP B 81 4.05 -17.84 22.46
CA ASP B 81 2.94 -18.01 23.40
C ASP B 81 3.11 -19.26 24.26
N GLU B 82 3.71 -20.31 23.71
CA GLU B 82 3.96 -21.52 24.48
C GLU B 82 4.94 -21.24 25.62
N ASN B 83 6.03 -20.52 25.33
CA ASN B 83 6.98 -20.18 26.38
C ASN B 83 6.39 -19.20 27.39
N ILE B 84 5.52 -18.29 26.93
CA ILE B 84 4.89 -17.33 27.84
C ILE B 84 4.03 -18.07 28.85
N SER B 85 3.18 -18.98 28.37
CA SER B 85 2.33 -19.75 29.28
C SER B 85 3.18 -20.58 30.24
N ASN B 86 4.23 -21.22 29.72
CA ASN B 86 5.12 -22.00 30.59
C ASN B 86 5.78 -21.11 31.64
N ILE B 87 6.10 -19.86 31.28
CA ILE B 87 6.69 -18.94 32.25
C ILE B 87 5.64 -18.53 33.28
N LEU B 88 4.40 -18.29 32.84
CA LEU B 88 3.35 -17.86 33.75
C LEU B 88 3.01 -18.92 34.78
N LYS B 89 3.38 -20.19 34.55
CA LYS B 89 3.18 -21.24 35.54
C LYS B 89 4.18 -21.17 36.69
N HIS B 90 5.10 -20.20 36.67
CA HIS B 90 6.10 -20.08 37.73
C HIS B 90 6.36 -18.65 38.18
N PHE B 91 5.94 -17.63 37.43
CA PHE B 91 6.12 -16.26 37.85
C PHE B 91 5.08 -15.87 38.90
N GLU B 92 5.37 -14.78 39.60
CA GLU B 92 4.49 -14.26 40.64
C GLU B 92 4.16 -12.80 40.33
N LYS B 93 3.37 -12.18 41.21
CA LYS B 93 2.96 -10.80 41.01
C LYS B 93 4.17 -9.87 41.04
N GLY B 94 4.33 -9.08 40.00
CA GLY B 94 5.44 -8.16 39.88
C GLY B 94 6.59 -8.64 39.03
N ASP B 95 6.57 -9.89 38.59
CA ASP B 95 7.60 -10.38 37.69
C ASP B 95 7.38 -9.82 36.29
N ILE B 96 8.44 -9.90 35.47
CA ILE B 96 8.50 -9.18 34.20
C ILE B 96 8.89 -10.15 33.09
N ILE B 97 8.16 -10.10 31.98
CA ILE B 97 8.51 -10.81 30.75
C ILE B 97 8.82 -9.76 29.70
N ILE B 98 9.95 -9.91 29.03
CA ILE B 98 10.39 -8.98 27.99
C ILE B 98 10.56 -9.76 26.69
N ASP B 99 9.71 -9.47 25.72
CA ASP B 99 9.79 -10.07 24.39
C ASP B 99 10.58 -9.15 23.48
N GLY B 100 11.65 -9.69 22.88
CA GLY B 100 12.51 -8.92 22.00
C GLY B 100 12.43 -9.24 20.53
N GLY B 101 11.52 -10.12 20.09
CA GLY B 101 11.45 -10.47 18.70
C GLY B 101 10.71 -9.43 17.86
N ASN B 102 10.90 -9.54 16.55
CA ASN B 102 10.17 -8.71 15.59
C ASN B 102 8.71 -9.14 15.55
N GLU B 103 7.89 -8.58 16.43
CA GLU B 103 6.51 -9.03 16.61
C GLU B 103 5.53 -8.05 16.00
N TRP B 104 4.46 -8.59 15.44
CA TRP B 104 3.31 -7.79 15.02
C TRP B 104 2.61 -7.27 16.27
N TYR B 105 2.36 -5.94 16.28
CA TYR B 105 2.00 -5.29 17.54
C TYR B 105 0.67 -5.77 18.10
N ILE B 106 -0.26 -6.21 17.26
CA ILE B 106 -1.54 -6.71 17.76
C ILE B 106 -1.32 -7.96 18.60
N ASN B 107 -0.37 -8.81 18.20
CA ASN B 107 -0.10 -10.03 18.95
C ASN B 107 0.48 -9.72 20.32
N SER B 108 1.30 -8.67 20.44
CA SER B 108 1.82 -8.27 21.74
C SER B 108 0.72 -7.74 22.64
N GLU B 109 -0.22 -6.97 22.08
CA GLU B 109 -1.34 -6.49 22.87
C GLU B 109 -2.08 -7.65 23.53
N ARG B 110 -2.33 -8.72 22.78
CA ARG B 110 -2.97 -9.91 23.35
C ARG B 110 -2.13 -10.49 24.48
N ARG B 111 -0.81 -10.58 24.30
CA ARG B 111 0.04 -11.18 25.33
C ARG B 111 0.17 -10.27 26.54
N ILE B 112 0.03 -8.96 26.35
CA ILE B 112 0.05 -8.04 27.48
C ILE B 112 -1.19 -8.23 28.36
N LYS B 113 -2.35 -8.40 27.72
CA LYS B 113 -3.60 -8.60 28.45
C LYS B 113 -3.57 -9.88 29.28
N LEU B 114 -3.11 -10.97 28.68
CA LEU B 114 -3.09 -12.26 29.36
C LEU B 114 -2.14 -12.23 30.55
N CYS B 115 -0.94 -11.68 30.36
CA CYS B 115 0.01 -11.60 31.47
C CYS B 115 -0.50 -10.70 32.58
N LYS B 116 -1.24 -9.64 32.22
CA LYS B 116 -1.77 -8.75 33.25
C LYS B 116 -2.88 -9.41 34.05
N GLU B 117 -3.59 -10.37 33.47
CA GLU B 117 -4.61 -11.10 34.23
C GLU B 117 -3.95 -11.96 35.30
N LYS B 118 -2.71 -12.41 35.08
CA LYS B 118 -1.91 -13.09 36.08
C LYS B 118 -1.03 -12.14 36.88
N ASP B 119 -1.25 -10.82 36.74
CA ASP B 119 -0.47 -9.80 37.44
C ASP B 119 1.02 -9.85 37.11
N VAL B 120 1.35 -10.35 35.92
CA VAL B 120 2.74 -10.35 35.44
C VAL B 120 2.89 -9.24 34.41
N GLU B 121 3.88 -8.38 34.62
CA GLU B 121 4.11 -7.24 33.73
C GLU B 121 4.80 -7.69 32.45
N TYR B 122 4.44 -7.05 31.34
CA TYR B 122 4.93 -7.41 30.02
C TYR B 122 5.62 -6.21 29.39
N LEU B 123 6.74 -6.48 28.70
CA LEU B 123 7.49 -5.45 28.00
C LEU B 123 7.76 -5.96 26.59
N ALA B 124 7.07 -5.40 25.61
CA ALA B 124 7.28 -5.75 24.20
C ALA B 124 8.33 -4.79 23.63
N MET B 125 9.50 -5.33 23.31
CA MET B 125 10.67 -4.52 23.02
C MET B 125 11.17 -4.79 21.60
N GLY B 126 11.23 -3.74 20.78
CA GLY B 126 11.89 -3.83 19.50
C GLY B 126 13.40 -3.80 19.67
N VAL B 127 14.09 -4.61 18.87
CA VAL B 127 15.54 -4.70 18.91
C VAL B 127 16.07 -4.57 17.48
N SER B 128 17.00 -3.63 17.27
CA SER B 128 17.61 -3.42 15.97
C SER B 128 19.13 -3.38 16.12
N GLY B 129 19.83 -3.95 15.15
CA GLY B 129 21.29 -3.96 15.18
C GLY B 129 21.91 -5.23 14.70
N GLY B 130 21.11 -6.29 14.53
CA GLY B 130 21.65 -7.54 14.06
C GLY B 130 22.57 -8.21 15.08
N GLU B 131 23.38 -9.13 14.56
CA GLU B 131 24.24 -9.94 15.42
C GLU B 131 25.29 -9.09 16.13
N ALA B 132 25.89 -8.15 15.40
CA ALA B 132 26.91 -7.29 16.01
C ALA B 132 26.29 -6.40 17.08
N GLY B 133 25.12 -5.84 16.82
CA GLY B 133 24.46 -4.99 17.80
C GLY B 133 24.06 -5.73 19.05
N ALA B 134 23.63 -6.99 18.90
CA ALA B 134 23.27 -7.78 20.07
C ALA B 134 24.48 -7.98 20.98
N ARG B 135 25.67 -8.12 20.40
CA ARG B 135 26.87 -8.41 21.19
C ARG B 135 27.44 -7.14 21.82
N TYR B 136 27.50 -6.03 21.08
CA TYR B 136 28.22 -4.86 21.52
C TYR B 136 27.36 -3.62 21.75
N GLY B 137 26.14 -3.57 21.24
CA GLY B 137 25.30 -2.40 21.44
C GLY B 137 24.27 -2.21 20.36
N CYS B 138 23.00 -2.38 20.71
CA CYS B 138 21.90 -2.25 19.76
C CYS B 138 20.97 -1.14 20.22
N SER B 139 19.91 -0.91 19.45
CA SER B 139 18.87 0.05 19.77
C SER B 139 17.68 -0.71 20.34
N PHE B 140 17.31 -0.38 21.58
CA PHE B 140 16.19 -1.00 22.28
C PHE B 140 14.97 -0.11 22.21
N MET B 141 13.83 -0.66 21.81
CA MET B 141 12.57 0.06 21.72
C MET B 141 11.53 -0.62 22.62
N PRO B 142 11.68 -0.51 23.95
CA PRO B 142 10.73 -1.18 24.84
C PRO B 142 9.49 -0.36 25.10
N GLY B 143 8.32 -1.00 25.00
CA GLY B 143 7.07 -0.39 25.36
C GLY B 143 6.26 -1.31 26.24
N GLY B 144 5.27 -0.73 26.91
CA GLY B 144 4.42 -1.49 27.79
C GLY B 144 4.41 -0.96 29.21
N SER B 145 4.69 -1.84 30.17
CA SER B 145 4.64 -1.47 31.58
C SER B 145 5.80 -0.54 31.93
N LYS B 146 5.47 0.66 32.42
CA LYS B 146 6.51 1.58 32.87
C LYS B 146 7.23 1.06 34.10
N TYR B 147 6.53 0.30 34.94
CA TYR B 147 7.18 -0.35 36.08
C TYR B 147 8.22 -1.36 35.59
N ALA B 148 7.89 -2.13 34.56
CA ALA B 148 8.83 -3.10 34.02
C ALA B 148 10.04 -2.42 33.39
N TYR B 149 9.81 -1.29 32.69
CA TYR B 149 10.93 -0.55 32.10
C TYR B 149 11.89 -0.07 33.18
N ASP B 150 11.35 0.52 34.25
CA ASP B 150 12.21 1.06 35.30
C ASP B 150 13.01 -0.04 36.02
N CYS B 151 12.48 -1.27 36.05
CA CYS B 151 13.19 -2.37 36.70
C CYS B 151 14.27 -2.97 35.82
N VAL B 152 14.19 -2.79 34.50
CA VAL B 152 15.15 -3.36 33.57
C VAL B 152 15.96 -2.28 32.86
N LYS B 153 15.79 -1.01 33.24
CA LYS B 153 16.33 0.09 32.44
C LYS B 153 17.86 0.11 32.47
N GLU B 154 18.47 -0.21 33.62
CA GLU B 154 19.93 -0.12 33.71
C GLU B 154 20.60 -1.19 32.86
N ILE B 155 20.00 -2.38 32.78
CA ILE B 155 20.52 -3.40 31.89
C ILE B 155 20.41 -2.97 30.44
N LEU B 156 19.27 -2.37 30.06
CA LEU B 156 19.09 -1.92 28.69
C LEU B 156 20.02 -0.76 28.37
N GLU B 157 20.19 0.17 29.31
CA GLU B 157 21.04 1.34 29.05
C GLU B 157 22.49 0.93 28.83
N LYS B 158 23.00 0.02 29.66
CA LYS B 158 24.40 -0.36 29.56
C LYS B 158 24.67 -1.28 28.37
N CYS B 159 23.66 -2.04 27.92
CA CYS B 159 23.84 -2.96 26.81
C CYS B 159 23.49 -2.35 25.46
N SER B 160 22.89 -1.17 25.43
CA SER B 160 22.56 -0.52 24.19
C SER B 160 23.80 0.19 23.60
N ALA B 161 23.68 0.58 22.34
CA ALA B 161 24.73 1.39 21.72
C ALA B 161 24.77 2.75 22.39
N GLN B 162 25.98 3.31 22.51
CA GLN B 162 26.21 4.59 23.17
C GLN B 162 26.60 5.61 22.12
N VAL B 163 25.83 6.69 22.03
CA VAL B 163 26.17 7.85 21.22
C VAL B 163 26.71 8.89 22.20
N GLY B 164 28.04 8.96 22.31
CA GLY B 164 28.64 9.66 23.42
C GLY B 164 28.37 8.90 24.69
N ASN B 165 27.64 9.50 25.63
CA ASN B 165 27.19 8.81 26.82
C ASN B 165 25.68 8.58 26.83
N SER B 166 24.99 8.92 25.74
CA SER B 166 23.54 8.76 25.66
C SER B 166 23.22 7.34 25.18
N PRO B 167 22.59 6.50 26.00
CA PRO B 167 22.28 5.14 25.57
C PRO B 167 21.09 5.11 24.62
N CYS B 168 21.16 4.18 23.66
CA CYS B 168 20.13 4.08 22.63
C CYS B 168 18.95 3.22 23.11
N VAL B 169 18.30 3.73 24.16
CA VAL B 169 17.09 3.12 24.71
C VAL B 169 16.24 4.23 25.30
N THR B 170 14.92 4.07 25.22
CA THR B 170 13.99 5.00 25.81
C THR B 170 12.68 4.26 26.07
N TYR B 171 11.90 4.77 27.02
CA TYR B 171 10.57 4.22 27.25
C TYR B 171 9.67 4.68 26.11
N ILE B 172 9.35 3.78 25.19
CA ILE B 172 8.58 4.14 24.00
C ILE B 172 7.19 4.61 24.40
N GLY B 173 6.50 3.82 25.21
CA GLY B 173 5.14 4.11 25.59
C GLY B 173 4.45 2.87 26.10
N PRO B 174 3.13 2.95 26.25
CA PRO B 174 2.37 1.80 26.75
C PRO B 174 2.09 0.79 25.65
N GLY B 175 1.62 -0.39 26.08
CA GLY B 175 1.15 -1.40 25.15
C GLY B 175 2.24 -1.91 24.25
N SER B 176 1.89 -2.12 22.98
CA SER B 176 2.80 -2.64 21.98
C SER B 176 3.48 -1.53 21.16
N SER B 177 3.56 -0.32 21.71
CA SER B 177 4.15 0.80 20.99
C SER B 177 5.59 0.52 20.58
N GLY B 178 6.32 -0.29 21.38
CA GLY B 178 7.69 -0.61 21.03
C GLY B 178 7.81 -1.47 19.78
N ASN B 179 6.92 -2.46 19.64
CA ASN B 179 6.90 -3.25 18.41
C ASN B 179 6.56 -2.38 17.21
N TYR B 180 5.65 -1.42 17.41
CA TYR B 180 5.25 -0.56 16.30
C TYR B 180 6.38 0.36 15.86
N VAL B 181 7.13 0.91 16.81
CA VAL B 181 8.25 1.78 16.45
C VAL B 181 9.33 0.99 15.72
N LYS B 182 9.64 -0.21 16.21
CA LYS B 182 10.61 -1.06 15.50
C LYS B 182 10.13 -1.41 14.10
N MET B 183 8.83 -1.67 13.96
CA MET B 183 8.27 -1.95 12.63
C MET B 183 8.50 -0.77 11.69
N VAL B 184 8.24 0.45 12.17
CA VAL B 184 8.41 1.63 11.32
C VAL B 184 9.89 1.88 11.04
N HIS B 185 10.78 1.55 11.98
CA HIS B 185 12.21 1.60 11.69
C HIS B 185 12.53 0.79 10.45
N ASN B 186 12.02 -0.45 10.38
CA ASN B 186 12.29 -1.31 9.23
C ASN B 186 11.63 -0.76 7.97
N GLY B 187 10.44 -0.18 8.10
CA GLY B 187 9.84 0.50 6.96
C GLY B 187 10.72 1.61 6.42
N ILE B 188 11.22 2.47 7.30
CA ILE B 188 12.17 3.51 6.87
C ILE B 188 13.42 2.88 6.28
N GLU B 189 13.92 1.81 6.92
CA GLU B 189 15.08 1.11 6.40
C GLU B 189 14.84 0.60 4.98
N TYR B 190 13.66 0.01 4.73
CA TYR B 190 13.31 -0.40 3.37
C TYR B 190 13.44 0.75 2.39
N GLY B 191 12.94 1.93 2.78
CA GLY B 191 13.02 3.08 1.90
C GLY B 191 14.45 3.53 1.65
N ASP B 192 15.26 3.57 2.71
CA ASP B 192 16.66 3.96 2.55
C ASP B 192 17.39 3.03 1.59
N MET B 193 17.16 1.72 1.72
CA MET B 193 17.83 0.76 0.84
C MET B 193 17.38 0.93 -0.59
N GLN B 194 16.09 1.19 -0.83
CA GLN B 194 15.63 1.37 -2.20
C GLN B 194 16.18 2.65 -2.81
N LEU B 195 16.21 3.74 -2.03
CA LEU B 195 16.79 4.99 -2.53
C LEU B 195 18.27 4.84 -2.86
N ILE B 196 19.02 4.13 -1.99
CA ILE B 196 20.43 3.87 -2.25
C ILE B 196 20.60 3.05 -3.52
N SER B 197 19.73 2.05 -3.73
CA SER B 197 19.86 1.19 -4.90
C SER B 197 19.52 1.94 -6.18
N GLU B 198 18.67 2.97 -6.09
CA GLU B 198 18.39 3.80 -7.25
C GLU B 198 19.53 4.76 -7.54
N SER B 199 20.20 5.26 -6.50
CA SER B 199 21.43 6.04 -6.73
C SER B 199 22.48 5.18 -7.42
N TYR B 200 22.56 3.90 -7.05
CA TYR B 200 23.52 2.98 -7.64
C TYR B 200 23.25 2.77 -9.13
N VAL B 201 21.98 2.54 -9.48
CA VAL B 201 21.67 2.27 -10.89
C VAL B 201 21.75 3.53 -11.72
N ILE B 202 21.54 4.71 -11.12
CA ILE B 202 21.67 5.96 -11.86
C ILE B 202 23.12 6.21 -12.23
N MET B 203 24.03 6.06 -11.28
CA MET B 203 25.44 6.26 -11.56
C MET B 203 25.98 5.19 -12.51
N LYS B 204 25.49 3.95 -12.36
CA LYS B 204 26.00 2.86 -13.18
C LYS B 204 25.59 3.00 -14.64
N HIS B 205 24.34 3.41 -14.90
CA HIS B 205 23.81 3.36 -16.25
C HIS B 205 23.75 4.72 -16.95
N ILE B 206 23.74 5.82 -16.21
CA ILE B 206 23.81 7.15 -16.81
C ILE B 206 25.24 7.66 -16.84
N LEU B 207 25.95 7.56 -15.72
CA LEU B 207 27.33 8.03 -15.64
C LEU B 207 28.35 6.96 -16.03
N LYS B 208 27.92 5.70 -16.18
CA LYS B 208 28.78 4.59 -16.57
C LYS B 208 29.88 4.32 -15.53
N TYR B 209 29.58 4.59 -14.26
CA TYR B 209 30.52 4.28 -13.20
C TYR B 209 30.65 2.77 -13.03
N ASP B 210 31.89 2.29 -12.93
CA ASP B 210 32.09 0.89 -12.58
C ASP B 210 32.13 0.75 -11.06
N ASN B 211 32.24 -0.49 -10.58
CA ASN B 211 32.05 -0.75 -9.15
C ASN B 211 33.11 -0.07 -8.30
N GLN B 212 34.34 0.06 -8.81
CA GLN B 212 35.37 0.74 -8.03
C GLN B 212 35.04 2.21 -7.85
N LYS B 213 34.57 2.87 -8.91
CA LYS B 213 34.16 4.26 -8.78
C LYS B 213 32.89 4.38 -7.93
N LEU B 214 31.96 3.45 -8.09
CA LEU B 214 30.75 3.45 -7.26
C LEU B 214 31.11 3.37 -5.79
N SER B 215 32.03 2.46 -5.43
CA SER B 215 32.45 2.32 -4.05
C SER B 215 33.11 3.60 -3.54
N GLU B 216 33.89 4.27 -4.40
CA GLU B 216 34.55 5.50 -3.98
C GLU B 216 33.54 6.62 -3.71
N VAL B 217 32.48 6.68 -4.51
CA VAL B 217 31.49 7.74 -4.36
C VAL B 217 30.73 7.57 -3.03
N PHE B 218 30.28 6.34 -2.74
CA PHE B 218 29.56 6.11 -1.50
C PHE B 218 30.46 6.34 -0.28
N ASN B 219 31.73 5.93 -0.37
CA ASN B 219 32.69 6.26 0.69
C ASN B 219 32.84 7.77 0.84
N LYS B 220 32.90 8.49 -0.29
CA LYS B 220 32.96 9.94 -0.25
C LYS B 220 31.71 10.53 0.39
N TRP B 221 30.53 10.01 0.04
CA TRP B 221 29.30 10.48 0.64
C TRP B 221 29.24 10.18 2.14
N ASN B 222 29.77 9.03 2.55
CA ASN B 222 29.79 8.66 3.97
C ASN B 222 30.63 9.62 4.80
N GLU B 223 31.53 10.38 4.18
CA GLU B 223 32.32 11.36 4.92
C GLU B 223 31.56 12.66 5.15
N GLY B 224 30.46 12.88 4.41
CA GLY B 224 29.71 14.12 4.53
C GLY B 224 28.36 13.97 5.19
N ILE B 225 27.36 14.71 4.70
CA ILE B 225 26.06 14.76 5.36
C ILE B 225 25.34 13.42 5.32
N LEU B 226 25.70 12.54 4.38
CA LEU B 226 25.05 11.24 4.26
C LEU B 226 25.69 10.16 5.12
N ASN B 227 26.58 10.54 6.05
CA ASN B 227 27.23 9.58 6.94
C ASN B 227 26.22 8.68 7.61
N SER B 228 26.29 7.39 7.32
CA SER B 228 25.30 6.44 7.82
C SER B 228 25.83 5.02 7.64
N TYR B 229 25.28 4.10 8.44
CA TYR B 229 25.67 2.70 8.33
C TYR B 229 25.37 2.16 6.94
N LEU B 230 24.19 2.47 6.39
CA LEU B 230 23.80 1.87 5.12
C LEU B 230 24.65 2.40 3.97
N ILE B 231 25.03 3.68 4.01
CA ILE B 231 25.92 4.21 2.98
C ILE B 231 27.30 3.57 3.12
N GLU B 232 27.77 3.39 4.36
CA GLU B 232 29.10 2.83 4.58
C GLU B 232 29.18 1.40 4.06
N ILE B 233 28.23 0.54 4.45
CA ILE B 233 28.29 -0.85 4.00
C ILE B 233 28.01 -0.97 2.51
N THR B 234 27.30 -0.01 1.92
CA THR B 234 27.11 -0.02 0.48
C THR B 234 28.44 0.17 -0.25
N ALA B 235 29.29 1.07 0.27
CA ALA B 235 30.62 1.23 -0.31
C ALA B 235 31.44 -0.05 -0.22
N ASN B 236 31.41 -0.72 0.94
CA ASN B 236 32.13 -1.98 1.09
C ASN B 236 31.60 -3.04 0.14
N ILE B 237 30.27 -3.12 0.01
CA ILE B 237 29.65 -4.16 -0.82
C ILE B 237 30.06 -4.00 -2.28
N LEU B 238 30.02 -2.77 -2.78
CA LEU B 238 30.30 -2.55 -4.19
C LEU B 238 31.75 -2.83 -4.54
N ALA B 239 32.66 -2.68 -3.58
CA ALA B 239 34.07 -2.99 -3.79
C ALA B 239 34.42 -4.46 -3.56
N LYS B 240 33.50 -5.23 -2.99
CA LYS B 240 33.82 -6.60 -2.60
C LYS B 240 34.05 -7.46 -3.84
N LYS B 241 35.20 -8.13 -3.88
CA LYS B 241 35.51 -9.05 -4.96
C LYS B 241 35.01 -10.45 -4.63
N ASP B 242 34.41 -11.10 -5.62
CA ASP B 242 34.02 -12.51 -5.45
C ASP B 242 35.25 -13.39 -5.39
N ASP B 243 35.20 -14.43 -4.56
CA ASP B 243 36.31 -15.37 -4.47
C ASP B 243 36.03 -16.67 -5.22
N LEU B 244 34.81 -16.87 -5.73
CA LEU B 244 34.51 -17.99 -6.61
C LEU B 244 34.72 -17.65 -8.07
N THR B 245 34.65 -16.37 -8.44
CA THR B 245 34.93 -15.89 -9.78
C THR B 245 35.87 -14.68 -9.66
N ASN B 246 36.20 -14.08 -10.80
CA ASN B 246 37.00 -12.87 -10.82
C ASN B 246 36.15 -11.61 -10.96
N ASN B 247 34.85 -11.72 -10.73
CA ASN B 247 33.94 -10.60 -10.83
C ASN B 247 33.73 -9.95 -9.45
N TYR B 248 33.02 -8.82 -9.46
CA TYR B 248 32.57 -8.23 -8.21
C TYR B 248 31.43 -9.07 -7.64
N LEU B 249 31.45 -9.26 -6.31
CA LEU B 249 30.51 -10.18 -5.69
C LEU B 249 29.07 -9.73 -5.90
N VAL B 250 28.81 -8.42 -5.81
CA VAL B 250 27.44 -7.93 -5.93
C VAL B 250 26.87 -8.22 -7.33
N ASP B 251 27.73 -8.37 -8.33
CA ASP B 251 27.26 -8.70 -9.68
C ASP B 251 26.90 -10.17 -9.83
N MET B 252 27.29 -11.02 -8.89
CA MET B 252 26.94 -12.43 -8.91
C MET B 252 25.71 -12.75 -8.07
N ILE B 253 25.07 -11.74 -7.48
CA ILE B 253 23.96 -11.96 -6.57
C ILE B 253 22.65 -11.86 -7.35
N LEU B 254 21.81 -12.89 -7.21
CA LEU B 254 20.52 -12.90 -7.88
C LEU B 254 19.62 -11.79 -7.34
N ASP B 255 18.98 -11.07 -8.26
CA ASP B 255 18.20 -9.87 -7.91
C ASP B 255 16.76 -10.24 -7.53
N ILE B 256 16.64 -11.11 -6.54
CA ILE B 256 15.36 -11.46 -5.96
C ILE B 256 15.44 -11.09 -4.48
N ALA B 257 14.68 -10.07 -4.09
CA ALA B 257 14.77 -9.54 -2.74
C ALA B 257 13.94 -10.40 -1.79
N GLY B 258 14.54 -10.77 -0.67
CA GLY B 258 13.78 -11.33 0.43
C GLY B 258 13.09 -10.25 1.24
N ALA B 259 12.19 -10.69 2.11
CA ALA B 259 11.43 -9.81 2.99
C ALA B 259 10.71 -10.67 4.01
N LYS B 260 10.74 -10.25 5.28
CA LYS B 260 10.21 -11.09 6.34
C LYS B 260 9.05 -10.45 7.09
N GLY B 261 8.42 -9.42 6.51
CA GLY B 261 7.15 -8.97 7.04
C GLY B 261 7.03 -7.54 7.50
N THR B 262 8.06 -6.99 8.16
CA THR B 262 7.91 -5.71 8.83
C THR B 262 7.65 -4.57 7.85
N GLY B 263 8.30 -4.61 6.68
CA GLY B 263 8.01 -3.62 5.67
C GLY B 263 6.59 -3.70 5.16
N LYS B 264 6.11 -4.93 4.91
CA LYS B 264 4.73 -5.12 4.48
C LYS B 264 3.76 -4.63 5.54
N TRP B 265 4.02 -4.95 6.81
CA TRP B 265 3.15 -4.50 7.90
C TRP B 265 3.06 -2.98 7.93
N THR B 266 4.18 -2.30 7.72
CA THR B 266 4.17 -0.84 7.72
C THR B 266 3.25 -0.31 6.63
N MET B 267 3.27 -0.93 5.45
CA MET B 267 2.41 -0.48 4.37
C MET B 267 0.95 -0.81 4.64
N LEU B 268 0.68 -2.00 5.21
CA LEU B 268 -0.69 -2.34 5.60
C LEU B 268 -1.24 -1.33 6.60
N GLU B 269 -0.41 -0.93 7.57
CA GLU B 269 -0.84 0.07 8.54
C GLU B 269 -1.10 1.42 7.90
N ALA B 270 -0.18 1.88 7.05
CA ALA B 270 -0.37 3.16 6.38
C ALA B 270 -1.61 3.14 5.49
N THR B 271 -1.84 2.03 4.80
CA THR B 271 -3.01 1.94 3.92
C THR B 271 -4.30 1.94 4.72
N GLU B 272 -4.36 1.16 5.80
CA GLU B 272 -5.59 1.03 6.57
C GLU B 272 -5.97 2.35 7.23
N ARG B 273 -4.98 3.10 7.71
CA ARG B 273 -5.24 4.35 8.40
C ARG B 273 -5.27 5.56 7.46
N GLY B 274 -5.08 5.35 6.16
CA GLY B 274 -5.09 6.45 5.21
C GLY B 274 -3.94 7.42 5.36
N ILE B 275 -2.77 6.96 5.77
CA ILE B 275 -1.60 7.80 6.00
C ILE B 275 -0.66 7.61 4.82
N PRO B 276 -0.40 8.64 4.01
CA PRO B 276 0.34 8.45 2.75
C PRO B 276 1.82 8.16 2.99
N CYS B 277 2.28 7.02 2.48
CA CYS B 277 3.69 6.63 2.53
C CYS B 277 4.13 6.14 1.16
N PRO B 278 4.22 7.06 0.17
CA PRO B 278 4.54 6.62 -1.20
C PRO B 278 5.91 6.00 -1.34
N THR B 279 6.90 6.46 -0.58
CA THR B 279 8.24 5.90 -0.69
C THR B 279 8.28 4.46 -0.18
N MET B 280 7.47 4.15 0.84
CA MET B 280 7.37 2.76 1.30
C MET B 280 6.76 1.87 0.23
N CYS B 281 5.77 2.38 -0.50
CA CYS B 281 5.19 1.62 -1.62
CA CYS B 281 5.22 1.57 -1.58
C CYS B 281 6.26 1.29 -2.64
N ALA B 282 7.07 2.28 -3.01
CA ALA B 282 8.09 2.08 -4.03
C ALA B 282 9.10 1.03 -3.58
N ALA B 283 9.51 1.08 -2.31
CA ALA B 283 10.43 0.07 -1.80
C ALA B 283 9.82 -1.32 -1.86
N LEU B 284 8.56 -1.44 -1.44
CA LEU B 284 7.89 -2.74 -1.49
C LEU B 284 7.59 -3.17 -2.92
N ASP B 285 7.20 -2.22 -3.78
CA ASP B 285 6.97 -2.54 -5.18
C ASP B 285 8.21 -3.16 -5.82
N ALA B 286 9.38 -2.58 -5.55
CA ALA B 286 10.61 -3.08 -6.14
C ALA B 286 10.92 -4.49 -5.66
N ARG B 287 10.76 -4.76 -4.35
CA ARG B 287 11.03 -6.10 -3.85
C ARG B 287 10.03 -7.11 -4.42
N ASN B 288 8.75 -6.73 -4.48
CA ASN B 288 7.73 -7.65 -4.96
C ASN B 288 7.88 -7.93 -6.46
N ILE B 289 8.24 -6.92 -7.24
CA ILE B 289 8.45 -7.13 -8.67
C ILE B 289 9.66 -8.05 -8.90
N SER B 290 10.68 -7.93 -8.06
CA SER B 290 11.90 -8.73 -8.25
C SER B 290 11.61 -10.22 -8.14
N VAL B 291 10.60 -10.61 -7.37
CA VAL B 291 10.26 -12.02 -7.21
C VAL B 291 9.83 -12.63 -8.53
N PHE B 292 9.24 -11.84 -9.42
CA PHE B 292 8.81 -12.34 -10.72
C PHE B 292 9.97 -12.34 -11.71
N LYS B 293 11.07 -12.99 -11.33
CA LYS B 293 12.29 -12.97 -12.15
C LYS B 293 12.06 -13.59 -13.52
N GLU B 294 11.30 -14.68 -13.58
CA GLU B 294 11.08 -15.36 -14.86
C GLU B 294 10.19 -14.52 -15.77
N LEU B 295 9.14 -13.93 -15.22
CA LEU B 295 8.29 -13.05 -16.01
C LEU B 295 9.05 -11.82 -16.47
N ARG B 296 9.92 -11.27 -15.62
CA ARG B 296 10.71 -10.11 -16.01
C ARG B 296 11.65 -10.45 -17.15
N THR B 297 12.23 -11.64 -17.13
CA THR B 297 13.11 -12.06 -18.23
C THR B 297 12.33 -12.18 -19.53
N LYS B 298 11.16 -12.85 -19.48
CA LYS B 298 10.34 -12.96 -20.67
C LYS B 298 9.86 -11.59 -21.15
N ALA B 299 9.57 -10.68 -20.20
CA ALA B 299 9.06 -9.37 -20.58
C ALA B 299 10.13 -8.55 -21.30
N GLU B 300 11.38 -8.57 -20.82
CA GLU B 300 12.43 -7.83 -21.50
C GLU B 300 12.72 -8.39 -22.89
N SER B 301 12.56 -9.71 -23.06
CA SER B 301 12.79 -10.30 -24.38
C SER B 301 11.81 -9.76 -25.41
N ASN B 302 10.61 -9.38 -24.98
CA ASN B 302 9.64 -8.75 -25.86
C ASN B 302 9.82 -7.23 -25.91
N PHE B 303 10.16 -6.61 -24.78
CA PHE B 303 10.38 -5.18 -24.69
C PHE B 303 11.88 -4.96 -24.47
N ASN B 304 12.64 -5.09 -25.55
CA ASN B 304 14.09 -4.99 -25.47
C ASN B 304 14.51 -3.62 -24.96
N LYS B 305 15.23 -3.61 -23.84
CA LYS B 305 15.77 -2.37 -23.27
C LYS B 305 17.05 -2.01 -24.01
N ASP B 306 16.98 -1.00 -24.88
CA ASP B 306 18.11 -0.61 -25.69
C ASP B 306 19.28 -0.16 -24.82
N ASN B 307 20.47 -0.18 -25.40
CA ASN B 307 21.64 0.34 -24.71
C ASN B 307 21.47 1.84 -24.46
N ILE B 308 21.70 2.25 -23.22
CA ILE B 308 21.52 3.64 -22.81
C ILE B 308 22.63 4.49 -23.42
N LEU B 309 22.34 5.12 -24.56
CA LEU B 309 23.30 5.98 -25.25
C LEU B 309 23.08 7.41 -24.77
N ILE B 310 24.03 7.92 -23.98
CA ILE B 310 23.91 9.27 -23.46
C ILE B 310 24.23 10.28 -24.55
N ASP B 311 23.44 11.35 -24.60
CA ASP B 311 23.70 12.43 -25.54
C ASP B 311 25.08 13.01 -25.25
N PRO B 312 25.93 13.20 -26.27
CA PRO B 312 27.25 13.77 -26.02
C PRO B 312 27.21 15.18 -25.49
N ASN B 313 26.18 15.96 -25.84
CA ASN B 313 26.02 17.32 -25.34
C ASN B 313 25.08 17.39 -24.14
N GLU B 314 24.79 16.25 -23.51
CA GLU B 314 24.02 16.26 -22.27
C GLU B 314 24.83 16.90 -21.16
N ASP B 315 24.21 17.83 -20.44
CA ASP B 315 24.91 18.55 -19.37
C ASP B 315 24.90 17.72 -18.11
N LEU B 316 25.93 16.89 -17.95
CA LEU B 316 26.09 16.06 -16.76
C LEU B 316 27.13 16.62 -15.80
N ASN B 317 27.45 17.91 -15.91
CA ASN B 317 28.33 18.54 -14.95
C ASN B 317 27.61 18.71 -13.62
N ASP B 318 28.30 18.39 -12.53
CA ASP B 318 27.75 18.39 -11.18
C ASP B 318 26.60 17.40 -11.02
N PHE B 319 26.47 16.44 -11.95
CA PHE B 319 25.39 15.47 -11.84
C PHE B 319 25.59 14.56 -10.62
N GLU B 320 26.83 14.16 -10.36
CA GLU B 320 27.11 13.36 -9.17
C GLU B 320 26.76 14.12 -7.90
N ASN B 321 27.04 15.42 -7.87
CA ASN B 321 26.69 16.22 -6.70
C ASN B 321 25.18 16.47 -6.63
N ASP B 322 24.52 16.59 -7.78
CA ASP B 322 23.07 16.65 -7.80
C ASP B 322 22.47 15.38 -7.19
N LEU B 323 23.06 14.22 -7.50
CA LEU B 323 22.54 12.97 -6.96
C LEU B 323 22.72 12.90 -5.45
N LEU B 324 23.88 13.34 -4.95
CA LEU B 324 24.09 13.45 -3.50
C LEU B 324 22.97 14.27 -2.87
N ASN B 325 22.75 15.48 -3.38
CA ASN B 325 21.72 16.35 -2.82
C ASN B 325 20.33 15.73 -2.99
N ALA B 326 20.10 15.06 -4.12
CA ALA B 326 18.80 14.43 -4.36
C ALA B 326 18.56 13.29 -3.38
N LEU B 327 19.57 12.45 -3.14
CA LEU B 327 19.42 11.36 -2.19
C LEU B 327 19.18 11.89 -0.78
N TYR B 328 19.93 12.92 -0.38
CA TYR B 328 19.70 13.54 0.92
C TYR B 328 18.30 14.13 1.00
N CYS B 329 17.84 14.73 -0.10
CA CYS B 329 16.49 15.31 -0.13
C CYS B 329 15.43 14.22 0.01
N CYS B 330 15.61 13.08 -0.66
CA CYS B 330 14.65 12.00 -0.55
C CYS B 330 14.61 11.41 0.85
N LYS B 331 15.76 11.35 1.53
CA LYS B 331 15.76 10.87 2.91
C LYS B 331 14.98 11.81 3.81
N ILE B 332 15.10 13.12 3.61
CA ILE B 332 14.28 14.07 4.35
C ILE B 332 12.81 13.79 4.10
N ILE B 333 12.44 13.62 2.83
CA ILE B 333 11.05 13.37 2.46
C ILE B 333 10.58 12.03 2.99
N SER B 334 11.42 11.00 2.89
CA SER B 334 11.02 9.67 3.35
C SER B 334 10.85 9.63 4.87
N TYR B 335 11.77 10.26 5.60
CA TYR B 335 11.62 10.32 7.05
C TYR B 335 10.43 11.19 7.44
N THR B 336 10.10 12.20 6.63
CA THR B 336 8.88 12.96 6.86
C THR B 336 7.65 12.05 6.83
N GLN B 337 7.58 11.15 5.84
CA GLN B 337 6.48 10.21 5.77
C GLN B 337 6.45 9.30 7.00
N GLY B 338 7.59 8.70 7.34
CA GLY B 338 7.63 7.74 8.42
C GLY B 338 7.36 8.37 9.77
N LEU B 339 7.87 9.58 10.00
CA LEU B 339 7.62 10.24 11.27
C LEU B 339 6.18 10.76 11.35
N PHE B 340 5.61 11.16 10.22
CA PHE B 340 4.20 11.52 10.21
C PHE B 340 3.33 10.31 10.52
N LEU B 341 3.69 9.15 9.97
CA LEU B 341 2.99 7.91 10.31
C LEU B 341 3.06 7.65 11.81
N LEU B 342 4.25 7.76 12.40
CA LEU B 342 4.38 7.53 13.84
C LEU B 342 3.56 8.54 14.63
N LYS B 343 3.54 9.80 14.20
CA LYS B 343 2.78 10.81 14.92
C LYS B 343 1.28 10.51 14.88
N GLN B 344 0.76 10.24 13.68
CA GLN B 344 -0.68 9.99 13.55
C GLN B 344 -1.08 8.73 14.30
N VAL B 345 -0.26 7.67 14.22
CA VAL B 345 -0.59 6.44 14.92
C VAL B 345 -0.50 6.64 16.43
N SER B 346 0.47 7.44 16.89
CA SER B 346 0.54 7.77 18.31
C SER B 346 -0.73 8.44 18.78
N GLU B 347 -1.25 9.40 17.99
CA GLU B 347 -2.51 10.06 18.32
C GLU B 347 -3.65 9.05 18.38
N GLU B 348 -3.76 8.21 17.33
CA GLU B 348 -4.87 7.28 17.24
C GLU B 348 -4.82 6.21 18.33
N MET B 349 -3.62 5.80 18.74
CA MET B 349 -3.46 4.79 19.77
C MET B 349 -3.27 5.38 21.16
N ASN B 350 -3.21 6.71 21.28
CA ASN B 350 -3.01 7.38 22.57
C ASN B 350 -1.72 6.91 23.24
N TRP B 351 -0.65 6.78 22.45
CA TRP B 351 0.62 6.30 22.96
C TRP B 351 1.52 7.42 23.47
N LYS B 352 1.29 8.66 23.06
CA LYS B 352 2.11 9.80 23.46
C LYS B 352 3.59 9.54 23.14
N LEU B 353 3.84 9.12 21.90
CA LEU B 353 5.20 8.86 21.47
C LEU B 353 6.03 10.13 21.49
N ASN B 354 7.29 9.99 21.92
CA ASN B 354 8.25 11.11 21.92
C ASN B 354 9.13 10.93 20.69
N LEU B 355 8.79 11.64 19.62
CA LEU B 355 9.51 11.48 18.35
C LEU B 355 10.97 11.91 18.48
N GLY B 356 11.24 12.93 19.30
CA GLY B 356 12.62 13.32 19.53
C GLY B 356 13.42 12.22 20.20
N GLU B 357 12.81 11.51 21.15
CA GLU B 357 13.49 10.42 21.82
C GLU B 357 13.68 9.22 20.89
N ILE B 358 12.69 8.95 20.05
CA ILE B 358 12.82 7.85 19.10
C ILE B 358 13.94 8.12 18.11
N ALA B 359 13.99 9.35 17.57
CA ALA B 359 15.09 9.71 16.69
C ALA B 359 16.43 9.65 17.41
N ARG B 360 16.45 9.98 18.70
CA ARG B 360 17.70 9.96 19.46
C ARG B 360 18.25 8.54 19.58
N ILE B 361 17.38 7.57 19.88
CA ILE B 361 17.85 6.19 20.04
C ILE B 361 18.09 5.50 18.71
N TRP B 362 17.75 6.14 17.59
CA TRP B 362 18.09 5.63 16.27
C TRP B 362 19.42 6.16 15.75
N ARG B 363 20.14 6.94 16.56
CA ARG B 363 21.44 7.45 16.16
C ARG B 363 22.53 6.39 16.20
N GLY B 364 22.35 5.33 16.99
CA GLY B 364 23.31 4.25 17.04
C GLY B 364 22.60 2.91 17.16
N GLY B 365 23.39 1.85 16.99
CA GLY B 365 22.89 0.49 17.13
C GLY B 365 22.05 -0.01 15.97
N CYS B 366 21.00 0.74 15.61
CA CYS B 366 20.05 0.30 14.60
C CYS B 366 20.65 0.42 13.20
N ILE B 367 19.90 -0.10 12.22
CA ILE B 367 20.43 -0.18 10.85
C ILE B 367 20.39 1.18 10.16
N ILE B 368 19.40 2.02 10.46
CA ILE B 368 19.28 3.31 9.77
C ILE B 368 20.14 4.36 10.46
N ARG B 369 21.00 3.94 11.39
CA ARG B 369 21.75 4.90 12.18
C ARG B 369 22.59 5.82 11.30
N ALA B 370 22.60 7.10 11.65
CA ALA B 370 23.18 8.15 10.83
C ALA B 370 23.23 9.43 11.65
N VAL B 371 24.19 10.30 11.34
CA VAL B 371 24.20 11.63 11.94
C VAL B 371 22.95 12.39 11.53
N PHE B 372 22.34 12.02 10.40
CA PHE B 372 21.06 12.55 9.98
C PHE B 372 20.04 12.50 11.12
N LEU B 373 20.04 11.42 11.90
CA LEU B 373 19.05 11.27 12.96
C LEU B 373 19.31 12.17 14.15
N ASP B 374 20.54 12.65 14.35
CA ASP B 374 20.76 13.66 15.38
C ASP B 374 20.09 14.97 15.01
N ARG B 375 20.12 15.33 13.73
CA ARG B 375 19.41 16.52 13.28
C ARG B 375 17.90 16.38 13.49
N ILE B 376 17.37 15.17 13.27
CA ILE B 376 15.94 14.95 13.47
C ILE B 376 15.58 15.07 14.94
N ALA B 377 16.36 14.40 15.81
CA ALA B 377 16.10 14.49 17.25
C ALA B 377 16.16 15.93 17.73
N ASN B 378 17.13 16.70 17.22
CA ASN B 378 17.21 18.11 17.61
C ASN B 378 16.01 18.90 17.09
N ALA B 379 15.49 18.56 15.91
CA ALA B 379 14.36 19.29 15.37
C ALA B 379 13.11 19.09 16.22
N TYR B 380 12.90 17.87 16.74
CA TYR B 380 11.73 17.62 17.56
C TYR B 380 11.92 18.07 19.01
N LYS B 381 13.15 18.01 19.52
CA LYS B 381 13.40 18.56 20.84
C LYS B 381 13.29 20.09 20.85
N ASN B 382 13.53 20.72 19.70
CA ASN B 382 13.34 22.16 19.56
C ASN B 382 11.87 22.53 19.43
N ASN B 383 11.06 21.65 18.85
CA ASN B 383 9.63 21.90 18.64
C ASN B 383 8.92 20.55 18.73
N GLU B 384 8.42 20.23 19.92
CA GLU B 384 7.78 18.95 20.16
C GLU B 384 6.46 18.80 19.40
N LYS B 385 5.92 19.90 18.88
CA LYS B 385 4.67 19.87 18.12
C LYS B 385 4.90 19.92 16.62
N LEU B 386 6.13 19.66 16.16
CA LEU B 386 6.42 19.67 14.74
C LEU B 386 5.56 18.64 14.01
N GLU B 387 4.90 19.07 12.94
CA GLU B 387 3.96 18.22 12.22
C GLU B 387 4.65 17.41 11.13
N LEU B 388 5.29 18.09 10.18
CA LEU B 388 6.07 17.47 9.13
C LEU B 388 7.54 17.80 9.33
N LEU B 389 8.40 16.80 9.13
CA LEU B 389 9.81 16.98 9.43
C LEU B 389 10.42 18.12 8.62
N PHE B 390 10.11 18.21 7.32
CA PHE B 390 10.75 19.24 6.51
C PHE B 390 10.15 20.62 6.73
N LEU B 391 9.27 20.79 7.73
CA LEU B 391 8.82 22.12 8.13
C LEU B 391 9.69 22.73 9.23
N ASP B 392 10.60 21.95 9.82
CA ASP B 392 11.64 22.53 10.64
C ASP B 392 12.47 23.49 9.80
N ASN B 393 12.89 24.60 10.42
CA ASN B 393 13.50 25.69 9.65
C ASN B 393 14.75 25.23 8.90
N GLU B 394 15.61 24.45 9.57
CA GLU B 394 16.85 24.04 8.92
C GLU B 394 16.63 22.94 7.88
N PHE B 395 15.68 22.03 8.13
CA PHE B 395 15.34 21.06 7.10
C PHE B 395 14.62 21.73 5.93
N SER B 396 13.81 22.75 6.20
CA SER B 396 13.16 23.48 5.13
C SER B 396 14.17 24.12 4.20
N ASP B 397 15.23 24.71 4.76
CA ASP B 397 16.29 25.30 3.94
C ASP B 397 16.96 24.24 3.08
N ASP B 398 17.16 23.04 3.63
CA ASP B 398 17.78 21.96 2.87
C ASP B 398 16.95 21.59 1.66
N ILE B 399 15.62 21.49 1.84
CA ILE B 399 14.73 21.18 0.73
C ILE B 399 14.86 22.24 -0.35
N LYS B 400 14.78 23.52 0.04
CA LYS B 400 14.80 24.59 -0.94
C LYS B 400 16.10 24.59 -1.75
N ASN B 401 17.23 24.30 -1.10
CA ASN B 401 18.50 24.29 -1.81
C ASN B 401 18.74 23.02 -2.60
N LYS B 402 18.12 21.91 -2.21
CA LYS B 402 18.42 20.62 -2.83
C LYS B 402 17.31 20.07 -3.71
N LEU B 403 16.09 20.60 -3.63
CA LEU B 403 15.02 20.10 -4.49
C LEU B 403 15.32 20.26 -5.99
N PRO B 404 15.92 21.34 -6.47
CA PRO B 404 16.31 21.37 -7.89
C PRO B 404 17.19 20.21 -8.30
N SER B 405 18.07 19.74 -7.41
CA SER B 405 18.89 18.58 -7.73
C SER B 405 18.03 17.34 -7.90
N LEU B 406 16.99 17.20 -7.07
CA LEU B 406 16.10 16.05 -7.18
C LEU B 406 15.34 16.06 -8.50
N ARG B 407 14.84 17.24 -8.91
CA ARG B 407 14.17 17.34 -10.20
C ARG B 407 15.11 16.96 -11.34
N LYS B 408 16.36 17.42 -11.28
CA LYS B 408 17.32 17.11 -12.33
C LYS B 408 17.56 15.60 -12.42
N ILE B 409 17.65 14.93 -11.27
CA ILE B 409 17.89 13.49 -11.27
C ILE B 409 16.70 12.76 -11.87
N VAL B 410 15.49 13.12 -11.46
CA VAL B 410 14.29 12.48 -12.00
C VAL B 410 14.17 12.74 -13.49
N LEU B 411 14.53 13.96 -13.93
CA LEU B 411 14.49 14.29 -15.35
C LEU B 411 15.41 13.38 -16.15
N MET B 412 16.66 13.25 -15.72
CA MET B 412 17.63 12.44 -16.46
C MET B 412 17.24 10.97 -16.44
N ALA B 413 16.78 10.47 -15.29
CA ALA B 413 16.36 9.07 -15.22
C ALA B 413 15.18 8.81 -16.14
N THR B 414 14.23 9.75 -16.20
CA THR B 414 13.09 9.57 -17.09
C THR B 414 13.53 9.56 -18.54
N LYS B 415 14.45 10.46 -18.91
CA LYS B 415 14.87 10.56 -20.31
C LYS B 415 15.55 9.29 -20.78
N TYR B 416 16.32 8.63 -19.90
CA TYR B 416 17.09 7.46 -20.27
C TYR B 416 16.50 6.16 -19.72
N SER B 417 15.21 6.18 -19.34
CA SER B 417 14.45 4.98 -19.03
C SER B 417 15.07 4.18 -17.89
N ILE B 418 15.49 4.89 -16.84
CA ILE B 418 15.98 4.26 -15.62
C ILE B 418 14.84 4.24 -14.62
N PRO B 419 14.38 3.07 -14.17
CA PRO B 419 13.30 3.02 -13.18
C PRO B 419 13.81 3.47 -11.82
N ILE B 420 13.24 4.56 -11.31
CA ILE B 420 13.59 5.07 -9.99
C ILE B 420 12.30 5.36 -9.23
N PRO B 421 11.53 4.34 -8.86
CA PRO B 421 10.22 4.62 -8.25
C PRO B 421 10.31 5.34 -6.92
N ALA B 422 11.35 5.11 -6.12
CA ALA B 422 11.41 5.77 -4.82
C ALA B 422 11.76 7.25 -4.97
N PHE B 423 12.69 7.58 -5.88
CA PHE B 423 13.02 8.98 -6.13
C PHE B 423 11.80 9.74 -6.63
N SER B 424 11.09 9.16 -7.61
CA SER B 424 9.94 9.85 -8.18
C SER B 424 8.78 9.90 -7.21
N ALA B 425 8.57 8.84 -6.41
CA ALA B 425 7.52 8.88 -5.40
C ALA B 425 7.82 9.91 -4.32
N SER B 426 9.09 10.03 -3.94
CA SER B 426 9.46 11.05 -2.95
C SER B 426 9.20 12.44 -3.49
N LEU B 427 9.60 12.70 -4.74
CA LEU B 427 9.36 14.01 -5.35
C LEU B 427 7.88 14.29 -5.49
N ALA B 428 7.09 13.29 -5.89
CA ALA B 428 5.66 13.48 -6.04
C ALA B 428 5.00 13.74 -4.68
N TYR B 429 5.45 13.04 -3.64
CA TYR B 429 4.91 13.26 -2.30
C TYR B 429 5.14 14.70 -1.85
N PHE B 430 6.37 15.20 -2.03
CA PHE B 430 6.66 16.57 -1.63
C PHE B 430 5.79 17.56 -2.40
N GLN B 431 5.70 17.40 -3.71
CA GLN B 431 4.96 18.36 -4.53
C GLN B 431 3.47 18.34 -4.20
N MET B 432 2.94 17.19 -3.74
CA MET B 432 1.53 17.11 -3.39
CA MET B 432 1.54 17.12 -3.39
C MET B 432 1.28 17.64 -1.99
N VAL B 433 2.12 17.26 -1.03
CA VAL B 433 1.94 17.72 0.35
C VAL B 433 2.11 19.23 0.44
N THR B 434 2.88 19.83 -0.46
CA THR B 434 3.07 21.27 -0.49
C THR B 434 2.26 21.95 -1.60
N SER B 435 1.11 21.38 -1.94
CA SER B 435 0.19 21.97 -2.91
C SER B 435 -1.10 22.35 -2.18
N GLN B 436 -1.40 23.64 -2.14
CA GLN B 436 -2.66 24.07 -1.53
C GLN B 436 -3.85 23.53 -2.30
N ASN B 437 -3.76 23.51 -3.63
CA ASN B 437 -4.84 23.03 -4.48
C ASN B 437 -4.35 21.83 -5.27
N LEU B 438 -5.10 20.74 -5.18
CA LEU B 438 -4.82 19.49 -5.89
C LEU B 438 -6.00 19.14 -6.78
N PRO B 439 -5.79 18.32 -7.82
CA PRO B 439 -6.90 18.03 -8.75
C PRO B 439 -7.95 17.09 -8.19
N LEU B 440 -8.03 16.95 -6.87
CA LEU B 440 -9.09 16.12 -6.30
C LEU B 440 -10.46 16.78 -6.39
N ASN B 441 -10.51 18.05 -6.82
CA ASN B 441 -11.81 18.65 -7.14
C ASN B 441 -12.47 17.92 -8.30
N LEU B 442 -11.68 17.58 -9.33
CA LEU B 442 -12.22 16.81 -10.45
C LEU B 442 -12.68 15.44 -10.01
N VAL B 443 -11.91 14.79 -9.13
CA VAL B 443 -12.30 13.48 -8.60
C VAL B 443 -13.60 13.59 -7.82
N GLN B 444 -13.76 14.64 -7.01
CA GLN B 444 -14.98 14.81 -6.24
C GLN B 444 -16.18 15.05 -7.15
N ALA B 445 -15.99 15.80 -8.24
CA ALA B 445 -17.07 16.02 -9.19
C ALA B 445 -17.47 14.72 -9.87
N GLN B 446 -16.48 13.88 -10.21
CA GLN B 446 -16.79 12.59 -10.83
C GLN B 446 -17.58 11.70 -9.89
N ARG B 447 -17.13 11.59 -8.63
CA ARG B 447 -17.83 10.74 -7.67
C ARG B 447 -19.26 11.21 -7.45
N ASP B 448 -19.49 12.53 -7.45
CA ASP B 448 -20.86 13.03 -7.36
C ASP B 448 -21.64 12.73 -8.64
N TYR B 449 -20.97 12.79 -9.78
CA TYR B 449 -21.62 12.50 -11.07
C TYR B 449 -22.15 11.07 -11.11
N PHE B 450 -21.28 10.08 -10.89
CA PHE B 450 -21.69 8.70 -11.07
C PHE B 450 -22.17 8.04 -9.78
N GLY B 451 -21.90 8.60 -8.62
CA GLY B 451 -22.26 7.92 -7.38
C GLY B 451 -23.07 8.76 -6.42
N SER B 452 -23.33 10.02 -6.76
CA SER B 452 -24.09 10.95 -5.92
C SER B 452 -23.52 11.01 -4.50
N HIS B 453 -22.19 11.04 -4.40
CA HIS B 453 -21.53 11.06 -3.11
C HIS B 453 -21.47 12.46 -2.48
N THR B 454 -21.93 13.49 -3.19
CA THR B 454 -21.88 14.89 -2.77
C THR B 454 -20.45 15.41 -2.65
N TYR B 455 -20.29 16.72 -2.70
CA TYR B 455 -19.00 17.38 -2.57
C TYR B 455 -19.16 18.61 -1.69
N ARG B 456 -18.04 19.11 -1.20
CA ARG B 456 -18.01 20.37 -0.46
C ARG B 456 -17.53 21.49 -1.37
N ARG B 457 -17.93 22.71 -1.05
CA ARG B 457 -17.56 23.87 -1.83
C ARG B 457 -16.46 24.65 -1.11
N THR B 458 -15.73 25.44 -1.90
CA THR B 458 -14.66 26.26 -1.33
C THR B 458 -15.15 27.56 -0.73
N ASP B 459 -16.38 27.98 -1.04
CA ASP B 459 -16.86 29.30 -0.66
C ASP B 459 -18.02 29.30 0.32
N ARG B 460 -18.52 28.13 0.72
CA ARG B 460 -19.65 28.08 1.64
C ARG B 460 -19.74 26.69 2.25
N GLU B 461 -20.45 26.60 3.37
CA GLU B 461 -20.61 25.37 4.12
C GLU B 461 -21.64 24.45 3.45
N GLY B 462 -21.53 23.17 3.74
CA GLY B 462 -22.53 22.19 3.35
C GLY B 462 -21.99 21.14 2.41
N ASN B 463 -22.82 20.12 2.19
CA ASN B 463 -22.56 19.06 1.22
C ASN B 463 -23.55 19.20 0.07
N TYR B 464 -23.05 19.26 -1.15
CA TYR B 464 -23.84 19.59 -2.32
C TYR B 464 -23.86 18.45 -3.32
N HIS B 465 -25.02 18.23 -3.93
CA HIS B 465 -25.19 17.28 -5.02
C HIS B 465 -25.71 18.03 -6.23
N THR B 466 -25.03 17.86 -7.37
CA THR B 466 -25.37 18.54 -8.60
C THR B 466 -25.97 17.55 -9.59
N LEU B 467 -27.02 17.99 -10.28
CA LEU B 467 -27.55 17.25 -11.43
C LEU B 467 -26.74 17.67 -12.65
N TRP B 468 -25.61 17.01 -12.85
CA TRP B 468 -24.66 17.39 -13.90
C TRP B 468 -25.23 17.19 -15.30
#